data_7SKK
#
_entry.id   7SKK
#
_cell.length_a   34.540
_cell.length_b   68.140
_cell.length_c   71.730
_cell.angle_alpha   91.100
_cell.angle_beta   90.200
_cell.angle_gamma   91.280
#
_symmetry.space_group_name_H-M   'P 1'
#
loop_
_entity.id
_entity.type
_entity.pdbx_description
1 polymer 'Pertussis toxin subunit 1'
2 non-polymer NICOTINAMIDE
3 non-polymer '[(2R,3S,4R,5R)-5-(6-AMINOPURIN-9-YL)-3,4-DIHYDROXY-OXOLAN-2-YL]METHYL [HYDROXY-[[(2R,3S,4R,5S)-3,4,5-TRIHYDROXYOXOLAN-2-YL]METHOXY]PHOSPHORYL] HYDROGEN PHOSPHATE'
4 non-polymer 'SULFATE ION'
5 water water
#
_entity_poly.entity_id   1
_entity_poly.type   'polypeptide(L)'
_entity_poly.pdbx_seq_one_letter_code
;GPGDPPATVYRYDSRPPEDVFQNGFTAWGNNDNVLEHLTGRSSQVGSSNSAFVSTSSSRRYTEVYLEHRMQEAVEAERAG
RGTGHFIGYIYEVRADNNFYGAASSYFEYVDTYGDNAGRILAGALATYQSEYLAHRRIPPENIRRVTRVYHNGITGETTT
TEYSNARYVSQQTRANPNPYTSRR
;
_entity_poly.pdbx_strand_id   A,B,C,D
#
loop_
_chem_comp.id
_chem_comp.type
_chem_comp.name
_chem_comp.formula
AR6 non-polymer '[(2R,3S,4R,5R)-5-(6-AMINOPURIN-9-YL)-3,4-DIHYDROXY-OXOLAN-2-YL]METHYL [HYDROXY-[[(2R,3S,4R,5S)-3,4,5-TRIHYDROXYOXOLAN-2-YL]METHOXY]PHOSPHORYL] HYDROGEN PHOSPHATE' 'C15 H23 N5 O14 P2'
NCA non-polymer NICOTINAMIDE 'C6 H6 N2 O'
SO4 non-polymer 'SULFATE ION' 'O4 S -2'
#
# COMPACT_ATOMS: atom_id res chain seq x y z
N GLY A 3 -9.00 -17.09 -7.98
CA GLY A 3 -9.01 -16.02 -7.00
C GLY A 3 -8.12 -14.84 -7.39
N ASP A 4 -7.13 -15.11 -8.23
CA ASP A 4 -6.22 -14.08 -8.71
C ASP A 4 -6.96 -13.01 -9.47
N PRO A 5 -6.45 -11.77 -9.46
CA PRO A 5 -6.98 -10.74 -10.36
C PRO A 5 -6.82 -11.17 -11.81
N PRO A 6 -7.67 -10.65 -12.71
CA PRO A 6 -7.60 -11.09 -14.11
C PRO A 6 -6.30 -10.65 -14.80
N ALA A 7 -5.75 -11.51 -15.65
CA ALA A 7 -4.61 -11.15 -16.48
C ALA A 7 -5.09 -10.50 -17.78
N THR A 8 -6.35 -10.76 -18.14
CA THR A 8 -6.93 -10.26 -19.39
C THR A 8 -8.28 -9.57 -19.15
N VAL A 9 -8.44 -8.41 -19.77
CA VAL A 9 -9.72 -7.67 -19.74
C VAL A 9 -10.07 -7.23 -21.14
N TYR A 10 -11.28 -6.69 -21.30
CA TYR A 10 -11.80 -6.34 -22.62
C TYR A 10 -12.36 -4.93 -22.62
N ARG A 11 -12.30 -4.25 -23.76
CA ARG A 11 -12.88 -2.92 -23.82
C ARG A 11 -13.59 -2.68 -25.14
N TYR A 12 -14.86 -2.29 -25.10
CA TYR A 12 -15.55 -1.79 -26.28
C TYR A 12 -15.18 -0.32 -26.49
N ASP A 13 -14.82 0.03 -27.72
CA ASP A 13 -14.50 1.39 -28.06
C ASP A 13 -14.88 1.62 -29.53
N SER A 14 -15.24 2.84 -29.86
CA SER A 14 -15.62 3.16 -31.24
C SER A 14 -14.39 3.45 -32.08
N ARG A 15 -13.25 3.68 -31.43
CA ARG A 15 -12.07 4.08 -32.16
C ARG A 15 -11.33 2.88 -32.75
N PRO A 16 -10.82 3.03 -33.98
CA PRO A 16 -10.23 1.93 -34.75
C PRO A 16 -8.79 1.61 -34.38
N PRO A 17 -8.35 0.39 -34.69
CA PRO A 17 -7.03 -0.03 -34.27
C PRO A 17 -5.89 0.79 -34.89
N GLU A 18 -6.09 1.47 -36.02
CA GLU A 18 -5.04 2.33 -36.54
C GLU A 18 -4.63 3.36 -35.47
N ASP A 19 -5.60 3.77 -34.66
CA ASP A 19 -5.38 4.66 -33.52
C ASP A 19 -4.92 3.83 -32.31
N VAL A 20 -5.78 2.92 -31.85
CA VAL A 20 -5.58 2.26 -30.57
C VAL A 20 -4.33 1.34 -30.51
N PHE A 21 -4.05 0.59 -31.57
CA PHE A 21 -2.90 -0.32 -31.54
C PHE A 21 -1.58 0.44 -31.45
N GLN A 22 -1.57 1.63 -32.04
CA GLN A 22 -0.36 2.45 -32.09
C GLN A 22 -0.22 3.32 -30.84
N ASN A 23 -1.35 3.84 -30.38
CA ASN A 23 -1.34 4.88 -29.37
C ASN A 23 -1.77 4.44 -27.98
N GLY A 24 -2.39 3.27 -27.91
CA GLY A 24 -3.02 2.82 -26.67
C GLY A 24 -4.27 3.61 -26.37
N PHE A 25 -4.79 3.48 -25.14
CA PHE A 25 -5.88 4.29 -24.63
C PHE A 25 -5.37 5.32 -23.63
N THR A 26 -5.77 6.57 -23.78
CA THR A 26 -5.51 7.54 -22.73
C THR A 26 -6.85 8.06 -22.19
N ALA A 27 -6.95 8.19 -20.88
CA ALA A 27 -8.15 8.71 -20.24
C ALA A 27 -8.39 10.17 -20.61
N TRP A 28 -9.65 10.59 -20.47
CA TRP A 28 -10.06 11.96 -20.80
C TRP A 28 -9.30 13.04 -20.04
N GLY A 29 -9.06 12.83 -18.75
CA GLY A 29 -8.50 13.89 -17.92
C GLY A 29 -7.99 13.41 -16.59
N ASN A 30 -8.08 14.27 -15.58
CA ASN A 30 -7.44 14.02 -14.28
C ASN A 30 -8.43 13.79 -13.15
N ASN A 31 -9.69 13.63 -13.50
CA ASN A 31 -10.72 13.41 -12.49
C ASN A 31 -10.74 11.95 -12.05
N ASP A 32 -10.11 11.66 -10.91
CA ASP A 32 -10.03 10.25 -10.48
C ASP A 32 -11.05 9.91 -9.40
N ASN A 33 -12.15 10.67 -9.35
CA ASN A 33 -13.24 10.31 -8.46
C ASN A 33 -13.95 9.06 -8.97
N VAL A 34 -13.85 7.97 -8.21
CA VAL A 34 -14.36 6.66 -8.63
C VAL A 34 -15.88 6.66 -8.81
N LEU A 35 -16.59 7.35 -7.93
CA LEU A 35 -18.05 7.42 -8.04
C LEU A 35 -18.49 8.16 -9.30
N GLU A 36 -17.83 9.27 -9.58
CA GLU A 36 -18.17 10.05 -10.78
C GLU A 36 -17.88 9.22 -12.01
N HIS A 37 -16.84 8.39 -11.97
CA HIS A 37 -16.57 7.57 -13.13
C HIS A 37 -17.61 6.46 -13.32
N LEU A 38 -17.89 5.72 -12.25
CA LEU A 38 -18.74 4.52 -12.33
C LEU A 38 -20.21 4.85 -12.59
N THR A 39 -20.60 6.10 -12.33
CA THR A 39 -21.94 6.56 -12.64
C THR A 39 -21.99 7.09 -14.06
N GLY A 40 -20.82 7.21 -14.68
CA GLY A 40 -20.72 7.73 -16.04
C GLY A 40 -20.57 9.23 -16.12
N ARG A 41 -20.56 9.90 -14.95
CA ARG A 41 -20.57 11.36 -14.92
C ARG A 41 -19.33 12.02 -15.51
N SER A 42 -18.20 11.33 -15.46
CA SER A 42 -16.94 11.91 -15.91
C SER A 42 -16.53 11.37 -17.28
N SER A 43 -17.39 10.58 -17.91
CA SER A 43 -17.05 10.02 -19.21
C SER A 43 -17.47 10.95 -20.35
N GLN A 44 -17.45 10.42 -21.57
CA GLN A 44 -17.76 11.21 -22.76
C GLN A 44 -19.11 11.88 -22.65
N VAL A 45 -20.09 11.21 -22.05
CA VAL A 45 -21.45 11.73 -22.06
C VAL A 45 -21.67 12.75 -20.94
N GLY A 46 -20.68 12.88 -20.07
CA GLY A 46 -20.73 13.81 -18.95
C GLY A 46 -19.69 14.90 -19.07
N SER A 47 -18.77 14.97 -18.11
CA SER A 47 -17.77 16.04 -18.08
C SER A 47 -16.49 15.74 -18.88
N SER A 48 -16.40 14.52 -19.43
CA SER A 48 -15.27 14.11 -20.27
C SER A 48 -13.93 14.50 -19.66
N ASN A 49 -13.74 14.16 -18.39
CA ASN A 49 -12.47 14.42 -17.74
C ASN A 49 -12.01 13.29 -16.84
N SER A 50 -12.66 12.13 -16.97
CA SER A 50 -12.28 10.97 -16.16
C SER A 50 -10.83 10.59 -16.30
N ALA A 51 -10.21 10.17 -15.19
CA ALA A 51 -8.85 9.67 -15.18
C ALA A 51 -8.78 8.15 -15.40
N PHE A 52 -9.92 7.52 -15.69
CA PHE A 52 -9.95 6.05 -15.85
C PHE A 52 -10.35 5.61 -17.25
N VAL A 53 -9.75 4.51 -17.68
CA VAL A 53 -10.18 3.81 -18.89
C VAL A 53 -10.86 2.53 -18.46
N SER A 54 -12.16 2.43 -18.71
CA SER A 54 -12.92 1.25 -18.29
C SER A 54 -12.64 0.02 -19.13
N THR A 55 -12.58 -1.13 -18.46
CA THR A 55 -12.45 -2.43 -19.11
C THR A 55 -13.32 -3.41 -18.35
N SER A 56 -13.47 -4.62 -18.90
CA SER A 56 -14.23 -5.66 -18.20
C SER A 56 -13.50 -6.97 -18.26
N SER A 57 -13.57 -7.73 -17.17
CA SER A 57 -13.07 -9.11 -17.19
C SER A 57 -13.99 -9.97 -18.04
N SER A 58 -15.19 -9.47 -18.33
CA SER A 58 -16.19 -10.20 -19.10
C SER A 58 -16.27 -9.72 -20.54
N ARG A 59 -15.85 -10.57 -21.48
CA ARG A 59 -15.96 -10.21 -22.87
C ARG A 59 -17.43 -10.00 -23.22
N ARG A 60 -18.30 -10.82 -22.65
CA ARG A 60 -19.72 -10.71 -22.93
C ARG A 60 -20.25 -9.32 -22.59
N TYR A 61 -19.81 -8.75 -21.47
CA TYR A 61 -20.22 -7.40 -21.11
C TYR A 61 -19.94 -6.40 -22.25
N THR A 62 -18.74 -6.47 -22.82
CA THR A 62 -18.39 -5.52 -23.85
C THR A 62 -19.15 -5.81 -25.16
N GLU A 63 -19.51 -7.06 -25.39
CA GLU A 63 -20.33 -7.42 -26.56
C GLU A 63 -21.74 -6.84 -26.46
N VAL A 64 -22.33 -6.92 -25.28
CA VAL A 64 -23.64 -6.37 -25.03
C VAL A 64 -23.64 -4.87 -25.28
N TYR A 65 -22.57 -4.21 -24.80
CA TYR A 65 -22.39 -2.78 -24.99
C TYR A 65 -22.29 -2.48 -26.49
N LEU A 66 -21.44 -3.22 -27.20
CA LEU A 66 -21.32 -3.05 -28.65
C LEU A 66 -22.65 -3.27 -29.34
N GLU A 67 -23.35 -4.32 -28.93
CA GLU A 67 -24.62 -4.66 -29.58
C GLU A 67 -25.65 -3.57 -29.38
N HIS A 68 -25.61 -2.94 -28.22
CA HIS A 68 -26.52 -1.84 -27.93
C HIS A 68 -26.25 -0.67 -28.87
N ARG A 69 -24.98 -0.31 -29.03
CA ARG A 69 -24.66 0.81 -29.91
C ARG A 69 -24.99 0.47 -31.36
N MET A 70 -24.79 -0.78 -31.76
CA MET A 70 -25.16 -1.18 -33.09
C MET A 70 -26.66 -1.07 -33.29
N GLN A 71 -27.41 -1.49 -32.28
CA GLN A 71 -28.86 -1.48 -32.37
C GLN A 71 -29.38 -0.04 -32.48
N GLU A 72 -28.69 0.90 -31.82
CA GLU A 72 -29.06 2.30 -31.95
C GLU A 72 -28.90 2.76 -33.39
N ALA A 73 -27.85 2.31 -34.07
CA ALA A 73 -27.68 2.61 -35.50
C ALA A 73 -28.78 1.95 -36.35
N VAL A 74 -29.15 0.72 -36.01
CA VAL A 74 -30.21 0.02 -36.72
C VAL A 74 -31.54 0.76 -36.55
N GLU A 75 -31.83 1.21 -35.34
CA GLU A 75 -33.07 1.96 -35.09
C GLU A 75 -33.07 3.28 -35.83
N ALA A 76 -31.90 3.92 -35.89
CA ALA A 76 -31.78 5.20 -36.60
C ALA A 76 -32.09 5.03 -38.09
N GLU A 77 -31.67 3.92 -38.69
CA GLU A 77 -31.94 3.68 -40.10
C GLU A 77 -33.41 3.38 -40.34
N ARG A 78 -34.01 2.62 -39.42
CA ARG A 78 -35.43 2.30 -39.55
C ARG A 78 -36.31 3.54 -39.48
N ALA A 79 -35.84 4.58 -38.80
CA ALA A 79 -36.61 5.81 -38.64
C ALA A 79 -36.19 6.91 -39.61
N GLY A 80 -35.25 6.60 -40.50
CA GLY A 80 -34.87 7.57 -41.52
C GLY A 80 -33.90 8.61 -41.02
N ARG A 81 -33.27 8.35 -39.89
CA ARG A 81 -32.33 9.32 -39.29
C ARG A 81 -30.90 8.77 -39.25
N GLY A 82 -30.56 7.91 -40.20
CA GLY A 82 -29.21 7.38 -40.29
C GLY A 82 -29.03 6.39 -41.43
N THR A 83 -27.78 5.98 -41.69
CA THR A 83 -27.51 5.04 -42.78
C THR A 83 -27.55 3.61 -42.30
N GLY A 84 -27.51 3.46 -40.98
CA GLY A 84 -27.49 2.14 -40.37
C GLY A 84 -26.08 1.61 -40.22
N HIS A 85 -25.13 2.28 -40.85
CA HIS A 85 -23.75 1.82 -40.79
C HIS A 85 -23.19 1.95 -39.39
N PHE A 86 -22.44 0.93 -38.98
CA PHE A 86 -21.85 0.89 -37.66
C PHE A 86 -20.63 0.00 -37.71
N ILE A 87 -19.52 0.47 -37.12
CA ILE A 87 -18.36 -0.39 -36.87
C ILE A 87 -18.01 -0.23 -35.40
N GLY A 88 -17.90 -1.35 -34.71
CA GLY A 88 -17.54 -1.32 -33.30
C GLY A 88 -16.35 -2.22 -33.09
N TYR A 89 -15.57 -1.95 -32.05
CA TYR A 89 -14.34 -2.73 -31.79
C TYR A 89 -14.32 -3.24 -30.36
N ILE A 90 -13.93 -4.50 -30.16
CA ILE A 90 -13.70 -5.01 -28.82
C ILE A 90 -12.24 -5.36 -28.70
N TYR A 91 -11.54 -4.62 -27.85
CA TYR A 91 -10.11 -4.79 -27.66
C TYR A 91 -9.83 -5.75 -26.51
N GLU A 92 -8.91 -6.70 -26.74
CA GLU A 92 -8.47 -7.62 -25.69
C GLU A 92 -7.16 -7.09 -25.14
N VAL A 93 -7.12 -6.93 -23.83
CA VAL A 93 -6.07 -6.15 -23.18
C VAL A 93 -5.46 -6.93 -22.01
N ARG A 94 -4.13 -6.91 -21.92
CA ARG A 94 -3.45 -7.45 -20.75
C ARG A 94 -3.50 -6.43 -19.61
N ALA A 95 -4.04 -6.86 -18.47
CA ALA A 95 -4.12 -6.04 -17.27
C ALA A 95 -2.80 -6.08 -16.51
N ASP A 96 -2.49 -4.98 -15.83
CA ASP A 96 -1.32 -4.91 -14.97
C ASP A 96 -1.70 -4.14 -13.69
N ASN A 97 -0.69 -3.79 -12.89
CA ASN A 97 -0.98 -3.19 -11.59
C ASN A 97 -1.59 -1.79 -11.65
N ASN A 98 -1.73 -1.25 -12.86
CA ASN A 98 -2.39 0.03 -13.04
C ASN A 98 -3.89 -0.12 -13.35
N PHE A 99 -4.37 -1.37 -13.33
CA PHE A 99 -5.80 -1.71 -13.48
C PHE A 99 -6.38 -2.08 -12.13
N TYR A 100 -7.47 -1.42 -11.73
CA TYR A 100 -8.06 -1.61 -10.40
C TYR A 100 -9.50 -2.12 -10.50
N GLY A 101 -9.85 -3.08 -9.67
CA GLY A 101 -11.21 -3.59 -9.64
C GLY A 101 -12.23 -2.53 -9.28
N ALA A 102 -13.25 -2.39 -10.11
CA ALA A 102 -14.25 -1.35 -9.87
C ALA A 102 -15.06 -1.59 -8.60
N ALA A 103 -15.42 -2.83 -8.33
CA ALA A 103 -16.27 -3.13 -7.18
C ALA A 103 -15.59 -2.73 -5.86
N SER A 104 -14.38 -3.24 -5.65
CA SER A 104 -13.66 -2.92 -4.42
C SER A 104 -13.38 -1.41 -4.34
N SER A 105 -13.04 -0.79 -5.47
CA SER A 105 -12.78 0.65 -5.47
C SER A 105 -14.04 1.43 -5.09
N TYR A 106 -15.19 1.00 -5.63
CA TYR A 106 -16.47 1.62 -5.31
C TYR A 106 -16.89 1.47 -3.85
N PHE A 107 -16.81 0.25 -3.31
CA PHE A 107 -17.21 0.02 -1.92
C PHE A 107 -16.37 0.86 -0.98
N GLU A 108 -15.06 0.90 -1.20
CA GLU A 108 -14.19 1.71 -0.36
C GLU A 108 -14.55 3.18 -0.50
N TYR A 109 -14.78 3.63 -1.73
CA TYR A 109 -15.11 5.03 -1.93
C TYR A 109 -16.41 5.42 -1.22
N VAL A 110 -17.51 4.71 -1.49
CA VAL A 110 -18.80 5.17 -0.95
C VAL A 110 -18.93 4.94 0.54
N ASP A 111 -18.19 3.96 1.09
CA ASP A 111 -18.29 3.75 2.54
C ASP A 111 -17.54 4.86 3.25
N THR A 112 -16.72 5.60 2.50
CA THR A 112 -15.89 6.66 3.08
C THR A 112 -16.47 8.06 2.84
N TYR A 113 -16.93 8.32 1.62
CA TYR A 113 -17.37 9.66 1.23
C TYR A 113 -18.84 9.71 0.83
N GLY A 114 -19.45 8.54 0.80
CA GLY A 114 -20.86 8.41 0.46
C GLY A 114 -21.23 8.62 -0.99
N ASP A 115 -22.48 8.32 -1.30
CA ASP A 115 -23.00 8.47 -2.63
C ASP A 115 -24.01 9.62 -2.60
N ASN A 116 -24.88 9.65 -3.60
CA ASN A 116 -26.01 10.56 -3.70
C ASN A 116 -26.73 10.01 -4.92
N ALA A 117 -27.38 8.86 -4.72
CA ALA A 117 -27.86 8.03 -5.81
C ALA A 117 -28.81 8.76 -6.75
N GLY A 118 -28.53 8.68 -8.06
CA GLY A 118 -29.32 9.35 -9.06
C GLY A 118 -28.90 10.79 -9.30
N ARG A 119 -28.22 11.38 -8.33
CA ARG A 119 -27.76 12.76 -8.41
C ARG A 119 -26.29 13.01 -8.81
N ILE A 120 -25.46 11.97 -8.88
CA ILE A 120 -24.08 12.22 -9.28
C ILE A 120 -24.06 12.51 -10.77
N LEU A 121 -24.40 11.52 -11.59
CA LEU A 121 -24.87 11.78 -12.94
C LEU A 121 -26.38 11.81 -12.76
N ALA A 122 -27.14 12.41 -13.67
CA ALA A 122 -28.57 12.54 -13.40
C ALA A 122 -29.27 11.30 -13.94
N GLY A 123 -29.92 10.55 -13.05
CA GLY A 123 -30.63 9.35 -13.42
C GLY A 123 -29.78 8.09 -13.40
N ALA A 124 -28.50 8.23 -13.04
CA ALA A 124 -27.57 7.09 -13.05
C ALA A 124 -27.30 6.48 -11.67
N LEU A 125 -27.26 5.15 -11.61
CA LEU A 125 -26.75 4.45 -10.44
C LEU A 125 -25.31 4.01 -10.73
N ALA A 126 -24.50 3.88 -9.69
CA ALA A 126 -23.14 3.38 -9.90
C ALA A 126 -23.18 1.88 -10.18
N THR A 127 -22.58 1.46 -11.28
CA THR A 127 -22.48 0.03 -11.58
C THR A 127 -21.00 -0.34 -11.61
N TYR A 128 -20.67 -1.62 -11.47
CA TYR A 128 -19.26 -2.00 -11.37
C TYR A 128 -18.93 -3.50 -11.47
N GLN A 129 -19.84 -4.35 -11.95
CA GLN A 129 -19.66 -5.78 -11.64
C GLN A 129 -18.32 -6.45 -12.04
N SER A 130 -18.07 -6.55 -13.33
CA SER A 130 -16.86 -7.20 -13.87
C SER A 130 -15.85 -6.14 -14.32
N GLU A 131 -16.10 -4.92 -13.88
CA GLU A 131 -15.36 -3.77 -14.38
C GLU A 131 -13.99 -3.55 -13.73
N TYR A 132 -13.00 -3.23 -14.55
CA TYR A 132 -11.66 -2.87 -14.08
C TYR A 132 -11.27 -1.53 -14.66
N LEU A 133 -10.72 -0.67 -13.80
CA LEU A 133 -10.38 0.70 -14.20
C LEU A 133 -8.87 0.84 -14.37
N ALA A 134 -8.43 1.13 -15.60
CA ALA A 134 -7.02 1.47 -15.79
C ALA A 134 -6.83 2.95 -15.47
N HIS A 135 -5.91 3.24 -14.56
CA HIS A 135 -5.65 4.64 -14.21
C HIS A 135 -4.84 5.33 -15.30
N ARG A 136 -5.48 6.34 -15.90
CA ARG A 136 -4.92 7.30 -16.86
C ARG A 136 -4.61 6.77 -18.25
N ARG A 137 -3.95 5.64 -18.34
CA ARG A 137 -3.61 5.13 -19.66
C ARG A 137 -3.45 3.61 -19.70
N ILE A 138 -3.74 3.04 -20.87
CA ILE A 138 -3.37 1.67 -21.23
C ILE A 138 -2.37 1.73 -22.39
N PRO A 139 -1.09 1.35 -22.16
CA PRO A 139 -0.11 1.44 -23.24
C PRO A 139 -0.45 0.55 -24.44
N PRO A 140 0.02 0.93 -25.64
CA PRO A 140 -0.27 0.07 -26.80
C PRO A 140 0.30 -1.34 -26.62
N GLU A 141 1.38 -1.44 -25.85
CA GLU A 141 2.01 -2.73 -25.62
C GLU A 141 1.12 -3.71 -24.85
N ASN A 142 0.11 -3.18 -24.16
CA ASN A 142 -0.83 -4.03 -23.43
C ASN A 142 -1.97 -4.56 -24.28
N ILE A 143 -2.12 -4.04 -25.49
CA ILE A 143 -3.31 -4.30 -26.27
C ILE A 143 -3.01 -5.47 -27.20
N ARG A 144 -3.68 -6.59 -26.97
CA ARG A 144 -3.34 -7.88 -27.60
C ARG A 144 -3.94 -8.06 -28.99
N ARG A 145 -5.24 -7.85 -29.08
CA ARG A 145 -5.94 -8.05 -30.34
C ARG A 145 -7.22 -7.26 -30.37
N VAL A 146 -7.89 -7.28 -31.51
CA VAL A 146 -9.17 -6.61 -31.62
C VAL A 146 -10.15 -7.49 -32.40
N THR A 147 -11.42 -7.36 -32.04
CA THR A 147 -12.53 -7.91 -32.81
C THR A 147 -13.27 -6.73 -33.41
N ARG A 148 -13.34 -6.74 -34.74
CA ARG A 148 -14.02 -5.71 -35.50
C ARG A 148 -15.39 -6.22 -35.93
N VAL A 149 -16.44 -5.52 -35.53
CA VAL A 149 -17.80 -5.86 -35.90
C VAL A 149 -18.32 -4.79 -36.85
N TYR A 150 -18.57 -5.19 -38.10
CA TYR A 150 -18.97 -4.28 -39.16
C TYR A 150 -20.41 -4.55 -39.51
N HIS A 151 -21.24 -3.52 -39.47
CA HIS A 151 -22.63 -3.68 -39.85
C HIS A 151 -22.96 -2.85 -41.07
N ASN A 152 -23.47 -3.53 -42.11
CA ASN A 152 -23.91 -2.88 -43.32
C ASN A 152 -25.31 -2.37 -43.07
N GLY A 153 -25.46 -1.05 -43.02
CA GLY A 153 -26.74 -0.50 -42.60
C GLY A 153 -27.90 -0.76 -43.53
N ILE A 154 -27.63 -0.94 -44.82
CA ILE A 154 -28.72 -1.13 -45.78
C ILE A 154 -29.04 -2.62 -46.02
N THR A 155 -28.01 -3.48 -46.05
CA THR A 155 -28.25 -4.89 -46.34
C THR A 155 -28.50 -5.65 -45.05
N GLY A 156 -28.14 -5.02 -43.92
CA GLY A 156 -28.32 -5.62 -42.62
C GLY A 156 -27.26 -6.63 -42.24
N GLU A 157 -26.32 -6.89 -43.15
CA GLU A 157 -25.31 -7.91 -42.90
C GLU A 157 -24.31 -7.44 -41.84
N THR A 158 -23.96 -8.33 -40.90
CA THR A 158 -22.96 -8.03 -39.90
C THR A 158 -21.80 -9.00 -40.10
N THR A 159 -20.61 -8.44 -40.17
CA THR A 159 -19.41 -9.21 -40.42
C THR A 159 -18.41 -8.99 -39.28
N THR A 160 -17.84 -10.07 -38.79
CA THR A 160 -16.92 -9.97 -37.68
C THR A 160 -15.55 -10.51 -38.07
N THR A 161 -14.50 -9.72 -37.83
CA THR A 161 -13.14 -10.16 -38.09
C THR A 161 -12.24 -9.86 -36.89
N GLU A 162 -11.14 -10.59 -36.79
CA GLU A 162 -10.22 -10.48 -35.67
C GLU A 162 -8.77 -10.41 -36.13
N TYR A 163 -7.94 -9.59 -35.47
CA TYR A 163 -6.51 -9.61 -35.74
C TYR A 163 -5.72 -9.12 -34.54
N SER A 164 -4.44 -9.47 -34.50
CA SER A 164 -3.59 -9.16 -33.37
C SER A 164 -2.80 -7.87 -33.56
N ASN A 165 -2.37 -7.29 -32.45
CA ASN A 165 -1.57 -6.07 -32.47
C ASN A 165 -0.08 -6.37 -32.53
N ALA A 166 0.57 -5.95 -33.61
CA ALA A 166 2.00 -6.18 -33.77
C ALA A 166 2.83 -5.60 -32.61
N ARG A 167 2.29 -4.59 -31.95
CA ARG A 167 3.00 -3.89 -30.88
C ARG A 167 2.83 -4.54 -29.50
N TYR A 168 1.98 -5.57 -29.43
CA TYR A 168 1.71 -6.25 -28.16
C TYR A 168 3.00 -6.84 -27.60
N VAL A 169 3.21 -6.65 -26.30
CA VAL A 169 4.35 -7.26 -25.62
C VAL A 169 3.86 -8.28 -24.59
N SER A 170 4.40 -9.50 -24.64
CA SER A 170 3.96 -10.53 -23.72
C SER A 170 4.74 -10.40 -22.43
N GLN A 171 4.15 -9.74 -21.46
CA GLN A 171 4.77 -9.55 -20.16
C GLN A 171 3.92 -10.26 -19.14
N GLN A 172 4.52 -10.63 -18.03
CA GLN A 172 3.81 -11.27 -16.94
C GLN A 172 3.19 -10.27 -15.98
N THR A 173 1.94 -9.89 -16.21
CA THR A 173 1.23 -8.98 -15.33
C THR A 173 -0.23 -9.43 -15.09
N ARG A 174 -0.80 -8.94 -14.00
CA ARG A 174 -2.22 -9.10 -13.72
C ARG A 174 -2.73 -7.81 -13.11
N ALA A 175 -4.06 -7.66 -13.05
CA ALA A 175 -4.67 -6.49 -12.43
C ALA A 175 -4.24 -6.33 -10.97
N ASN A 176 -4.30 -5.11 -10.46
CA ASN A 176 -4.02 -4.84 -9.06
C ASN A 176 -5.00 -5.58 -8.17
N PRO A 177 -4.52 -6.20 -7.09
CA PRO A 177 -5.45 -6.87 -6.17
C PRO A 177 -6.15 -5.89 -5.22
N ASN A 178 -5.69 -4.65 -5.18
CA ASN A 178 -6.17 -3.67 -4.21
C ASN A 178 -7.14 -2.67 -4.82
N PRO A 179 -7.99 -2.06 -3.99
CA PRO A 179 -8.84 -1.01 -4.55
C PRO A 179 -8.02 0.21 -4.96
N TYR A 180 -8.53 0.94 -5.95
CA TYR A 180 -7.98 2.24 -6.26
C TYR A 180 -8.25 3.19 -5.11
N THR A 181 -7.22 3.91 -4.68
CA THR A 181 -7.38 5.02 -3.74
C THR A 181 -6.63 6.23 -4.28
N SER A 182 -7.23 7.41 -4.14
CA SER A 182 -6.60 8.63 -4.62
C SER A 182 -5.56 9.16 -3.63
N GLY B 3 5.04 -8.72 -11.29
CA GLY B 3 4.45 -7.39 -11.32
C GLY B 3 4.91 -6.43 -10.23
N ASP B 4 5.41 -6.95 -9.10
CA ASP B 4 5.85 -6.13 -7.98
C ASP B 4 6.94 -5.16 -8.42
N PRO B 5 7.07 -4.00 -7.73
CA PRO B 5 8.20 -3.11 -8.00
C PRO B 5 9.51 -3.85 -7.75
N PRO B 6 10.58 -3.44 -8.43
CA PRO B 6 11.84 -4.17 -8.29
C PRO B 6 12.43 -4.07 -6.89
N ALA B 7 13.02 -5.17 -6.41
CA ALA B 7 13.78 -5.14 -5.17
C ALA B 7 15.24 -4.75 -5.45
N THR B 8 15.65 -4.91 -6.70
CA THR B 8 17.02 -4.65 -7.11
C THR B 8 17.08 -3.68 -8.29
N VAL B 9 17.94 -2.67 -8.18
CA VAL B 9 18.20 -1.76 -9.30
C VAL B 9 19.70 -1.60 -9.45
N TYR B 10 20.12 -0.97 -10.54
CA TYR B 10 21.55 -0.88 -10.86
C TYR B 10 21.88 0.57 -11.17
N ARG B 11 23.10 0.99 -10.87
CA ARG B 11 23.51 2.34 -11.24
C ARG B 11 24.92 2.34 -11.79
N TYR B 12 25.06 2.86 -13.01
CA TYR B 12 26.38 3.17 -13.57
C TYR B 12 26.88 4.49 -13.00
N ASP B 13 28.13 4.50 -12.54
CA ASP B 13 28.75 5.71 -11.99
C ASP B 13 30.26 5.65 -12.21
N SER B 14 30.91 6.82 -12.25
CA SER B 14 32.35 6.89 -12.43
C SER B 14 33.12 6.75 -11.12
N ARG B 15 32.41 6.89 -10.01
CA ARG B 15 33.04 6.94 -8.70
C ARG B 15 33.22 5.54 -8.10
N PRO B 16 34.36 5.34 -7.41
CA PRO B 16 34.80 4.05 -6.86
C PRO B 16 34.17 3.68 -5.53
N PRO B 17 34.20 2.37 -5.19
CA PRO B 17 33.53 1.91 -3.97
C PRO B 17 34.16 2.46 -2.69
N GLU B 18 35.43 2.86 -2.68
CA GLU B 18 36.00 3.46 -1.44
C GLU B 18 35.17 4.67 -1.02
N ASP B 19 34.54 5.33 -1.99
CA ASP B 19 33.59 6.41 -1.73
C ASP B 19 32.17 5.84 -1.52
N VAL B 20 31.63 5.22 -2.56
CA VAL B 20 30.23 4.85 -2.60
C VAL B 20 29.84 3.81 -1.53
N PHE B 21 30.69 2.81 -1.26
CA PHE B 21 30.30 1.81 -0.27
C PHE B 21 30.20 2.40 1.14
N GLN B 22 30.99 3.42 1.43
CA GLN B 22 30.94 4.04 2.75
C GLN B 22 29.90 5.16 2.84
N ASN B 23 29.80 5.93 1.76
CA ASN B 23 29.06 7.19 1.78
C ASN B 23 27.72 7.13 1.07
N GLY B 24 27.50 6.06 0.30
CA GLY B 24 26.32 5.94 -0.54
C GLY B 24 26.36 6.93 -1.69
N PHE B 25 25.22 7.10 -2.36
CA PHE B 25 25.04 8.16 -3.36
C PHE B 25 24.23 9.32 -2.77
N THR B 26 24.72 10.54 -2.98
CA THR B 26 23.97 11.74 -2.61
C THR B 26 23.57 12.49 -3.87
N ALA B 27 22.32 12.96 -3.94
CA ALA B 27 21.87 13.74 -5.08
C ALA B 27 22.61 15.07 -5.16
N TRP B 28 22.65 15.64 -6.36
CA TRP B 28 23.33 16.92 -6.59
C TRP B 28 22.79 18.05 -5.71
N GLY B 29 21.48 18.10 -5.53
CA GLY B 29 20.87 19.23 -4.84
C GLY B 29 19.43 19.01 -4.45
N ASN B 30 18.66 20.08 -4.44
CA ASN B 30 17.30 20.05 -3.93
C ASN B 30 16.22 20.24 -4.98
N ASN B 31 16.60 20.18 -6.25
CA ASN B 31 15.65 20.34 -7.34
C ASN B 31 14.92 19.04 -7.63
N ASP B 32 13.68 18.91 -7.13
CA ASP B 32 12.95 17.67 -7.30
C ASP B 32 11.96 17.74 -8.45
N ASN B 33 12.23 18.60 -9.43
CA ASN B 33 11.41 18.62 -10.65
C ASN B 33 11.71 17.37 -11.50
N VAL B 34 10.72 16.48 -11.60
CA VAL B 34 10.92 15.20 -12.25
C VAL B 34 11.23 15.36 -13.75
N LEU B 35 10.55 16.31 -14.39
CA LEU B 35 10.74 16.52 -15.81
C LEU B 35 12.15 17.04 -16.11
N GLU B 36 12.64 17.98 -15.29
CA GLU B 36 13.98 18.52 -15.48
C GLU B 36 15.03 17.42 -15.28
N HIS B 37 14.76 16.52 -14.35
CA HIS B 37 15.70 15.43 -14.12
C HIS B 37 15.76 14.45 -15.30
N LEU B 38 14.59 13.99 -15.72
CA LEU B 38 14.55 12.91 -16.70
C LEU B 38 15.01 13.36 -18.08
N THR B 39 14.92 14.66 -18.35
CA THR B 39 15.35 15.22 -19.61
C THR B 39 16.82 15.64 -19.58
N GLY B 40 17.48 15.46 -18.44
CA GLY B 40 18.90 15.75 -18.39
C GLY B 40 19.27 17.18 -18.03
N ARG B 41 18.26 18.00 -17.73
CA ARG B 41 18.52 19.40 -17.44
C ARG B 41 19.09 19.69 -16.04
N SER B 42 18.83 18.83 -15.07
CA SER B 42 19.26 19.13 -13.70
C SER B 42 20.43 18.30 -13.17
N SER B 43 20.98 17.41 -14.00
CA SER B 43 22.11 16.58 -13.58
C SER B 43 23.47 17.15 -13.96
N GLN B 44 24.51 16.31 -14.02
CA GLN B 44 25.88 16.81 -14.19
C GLN B 44 26.08 17.72 -15.39
N VAL B 45 25.47 17.40 -16.53
CA VAL B 45 25.67 18.18 -17.74
C VAL B 45 24.68 19.35 -17.83
N GLY B 46 23.79 19.46 -16.84
CA GLY B 46 22.85 20.58 -16.80
C GLY B 46 23.09 21.48 -15.61
N SER B 47 22.08 21.67 -14.76
CA SER B 47 22.20 22.61 -13.63
C SER B 47 22.82 21.98 -12.38
N SER B 48 23.09 20.66 -12.45
CA SER B 48 23.74 19.93 -11.35
C SER B 48 23.15 20.21 -9.98
N ASN B 49 21.83 20.13 -9.89
CA ASN B 49 21.15 20.36 -8.61
C ASN B 49 19.98 19.41 -8.42
N SER B 50 19.91 18.37 -9.24
CA SER B 50 18.84 17.38 -9.10
C SER B 50 18.77 16.77 -7.71
N ALA B 51 17.54 16.54 -7.23
CA ALA B 51 17.31 15.84 -5.98
C ALA B 51 17.16 14.33 -6.19
N PHE B 52 17.41 13.84 -7.41
CA PHE B 52 17.26 12.40 -7.68
C PHE B 52 18.56 11.72 -8.07
N VAL B 53 18.71 10.49 -7.63
CA VAL B 53 19.80 9.63 -8.10
C VAL B 53 19.20 8.54 -8.98
N SER B 54 19.53 8.55 -10.27
CA SER B 54 18.97 7.58 -11.21
C SER B 54 19.57 6.19 -11.06
N THR B 55 18.71 5.19 -11.28
CA THR B 55 19.06 3.78 -11.28
C THR B 55 18.18 3.13 -12.35
N SER B 56 18.45 1.86 -12.65
CA SER B 56 17.64 1.09 -13.60
C SER B 56 17.30 -0.28 -13.05
N SER B 57 16.08 -0.75 -13.27
CA SER B 57 15.74 -2.13 -12.95
C SER B 57 16.43 -3.06 -13.94
N SER B 58 16.94 -2.50 -15.04
CA SER B 58 17.59 -3.28 -16.09
C SER B 58 19.10 -3.16 -15.97
N ARG B 59 19.78 -4.24 -15.59
CA ARG B 59 21.25 -4.19 -15.53
C ARG B 59 21.80 -3.89 -16.93
N ARG B 60 21.16 -4.45 -17.94
CA ARG B 60 21.57 -4.23 -19.32
C ARG B 60 21.62 -2.75 -19.67
N TYR B 61 20.63 -1.99 -19.20
CA TYR B 61 20.61 -0.54 -19.43
C TYR B 61 21.92 0.08 -18.93
N THR B 62 22.36 -0.30 -17.73
CA THR B 62 23.58 0.28 -17.17
C THR B 62 24.85 -0.24 -17.89
N GLU B 63 24.77 -1.46 -18.40
CA GLU B 63 25.86 -2.06 -19.19
C GLU B 63 26.01 -1.30 -20.51
N VAL B 64 24.90 -1.00 -21.16
CA VAL B 64 24.90 -0.19 -22.38
C VAL B 64 25.48 1.20 -22.10
N TYR B 65 25.10 1.79 -20.98
CA TYR B 65 25.63 3.09 -20.56
C TYR B 65 27.14 3.01 -20.35
N LEU B 66 27.62 2.03 -19.57
CA LEU B 66 29.07 1.89 -19.37
C LEU B 66 29.79 1.69 -20.70
N GLU B 67 29.25 0.84 -21.56
CA GLU B 67 29.92 0.52 -22.82
C GLU B 67 29.95 1.75 -23.72
N HIS B 68 28.89 2.54 -23.67
CA HIS B 68 28.81 3.74 -24.48
C HIS B 68 29.87 4.74 -24.00
N ARG B 69 30.00 4.92 -22.70
CA ARG B 69 31.01 5.85 -22.18
C ARG B 69 32.43 5.34 -22.50
N MET B 70 32.62 4.03 -22.47
CA MET B 70 33.89 3.43 -22.86
C MET B 70 34.19 3.70 -24.33
N GLN B 71 33.17 3.52 -25.18
CA GLN B 71 33.38 3.73 -26.61
C GLN B 71 33.65 5.21 -26.90
N GLU B 72 33.03 6.11 -26.15
CA GLU B 72 33.27 7.54 -26.30
C GLU B 72 34.73 7.87 -25.99
N ALA B 73 35.30 7.20 -25.00
CA ALA B 73 36.73 7.34 -24.72
C ALA B 73 37.59 6.83 -25.87
N VAL B 74 37.18 5.72 -26.47
CA VAL B 74 37.90 5.16 -27.62
C VAL B 74 37.83 6.10 -28.83
N GLU B 75 36.65 6.65 -29.08
CA GLU B 75 36.45 7.57 -30.19
C GLU B 75 37.31 8.80 -29.96
N ALA B 76 37.36 9.23 -28.70
CA ALA B 76 38.15 10.41 -28.33
C ALA B 76 39.63 10.18 -28.62
N GLU B 77 40.10 8.94 -28.41
CA GLU B 77 41.50 8.60 -28.69
C GLU B 77 41.78 8.56 -30.19
N ARG B 78 40.86 7.97 -30.94
CA ARG B 78 40.97 7.89 -32.38
C ARG B 78 40.99 9.28 -33.01
N ALA B 79 40.37 10.23 -32.33
CA ALA B 79 40.25 11.59 -32.84
C ALA B 79 41.30 12.53 -32.25
N GLY B 80 42.19 11.99 -31.43
CA GLY B 80 43.29 12.76 -30.87
C GLY B 80 42.97 13.63 -29.67
N ARG B 81 41.82 13.41 -29.03
CA ARG B 81 41.44 14.18 -27.86
C ARG B 81 41.28 13.30 -26.62
N GLY B 82 42.07 12.23 -26.53
CA GLY B 82 42.07 11.38 -25.37
C GLY B 82 43.03 10.21 -25.52
N THR B 83 43.24 9.46 -24.44
CA THR B 83 44.13 8.30 -24.46
C THR B 83 43.36 6.99 -24.64
N GLY B 84 42.03 7.02 -24.48
CA GLY B 84 41.24 5.83 -24.61
C GLY B 84 41.03 5.05 -23.32
N HIS B 85 41.75 5.42 -22.27
CA HIS B 85 41.58 4.74 -20.99
C HIS B 85 40.24 5.07 -20.39
N PHE B 86 39.64 4.07 -19.72
CA PHE B 86 38.32 4.22 -19.13
C PHE B 86 38.15 3.30 -17.92
N ILE B 87 37.59 3.86 -16.85
CA ILE B 87 37.20 3.08 -15.68
C ILE B 87 35.75 3.38 -15.35
N GLY B 88 34.92 2.34 -15.34
CA GLY B 88 33.51 2.51 -15.02
C GLY B 88 33.02 1.51 -13.98
N TYR B 89 31.95 1.86 -13.28
CA TYR B 89 31.39 1.00 -12.25
C TYR B 89 29.89 0.80 -12.41
N ILE B 90 29.44 -0.44 -12.20
CA ILE B 90 28.01 -0.71 -12.11
C ILE B 90 27.71 -1.24 -10.70
N TYR B 91 26.94 -0.46 -9.96
CA TYR B 91 26.56 -0.77 -8.58
C TYR B 91 25.24 -1.50 -8.56
N GLU B 92 25.16 -2.57 -7.75
CA GLU B 92 23.92 -3.31 -7.55
C GLU B 92 23.32 -2.87 -6.23
N VAL B 93 22.08 -2.40 -6.31
CA VAL B 93 21.46 -1.66 -5.20
C VAL B 93 20.10 -2.23 -4.81
N ARG B 94 19.84 -2.34 -3.51
CA ARG B 94 18.51 -2.71 -3.04
C ARG B 94 17.59 -1.48 -3.03
N ALA B 95 16.48 -1.56 -3.76
CA ALA B 95 15.50 -0.47 -3.80
C ALA B 95 14.59 -0.54 -2.60
N ASP B 96 14.16 0.63 -2.14
CA ASP B 96 13.17 0.73 -1.05
C ASP B 96 12.13 1.80 -1.38
N ASN B 97 11.32 2.17 -0.40
CA ASN B 97 10.20 3.06 -0.67
C ASN B 97 10.62 4.50 -1.04
N ASN B 98 11.92 4.78 -0.99
CA ASN B 98 12.43 6.06 -1.42
C ASN B 98 12.86 6.05 -2.90
N PHE B 99 12.63 4.92 -3.56
CA PHE B 99 12.88 4.77 -5.00
C PHE B 99 11.57 4.78 -5.78
N TYR B 100 11.46 5.67 -6.76
CA TYR B 100 10.21 5.85 -7.48
C TYR B 100 10.39 5.58 -8.96
N GLY B 101 9.42 4.89 -9.57
CA GLY B 101 9.47 4.62 -10.99
C GLY B 101 9.49 5.89 -11.82
N ALA B 102 10.44 5.98 -12.75
CA ALA B 102 10.53 7.18 -13.59
C ALA B 102 9.30 7.33 -14.50
N ALA B 103 8.80 6.24 -15.06
CA ALA B 103 7.67 6.30 -15.99
C ALA B 103 6.44 6.84 -15.26
N SER B 104 6.13 6.23 -14.12
CA SER B 104 4.99 6.62 -13.31
C SER B 104 5.11 8.08 -12.84
N SER B 105 6.32 8.45 -12.41
CA SER B 105 6.58 9.81 -11.94
C SER B 105 6.46 10.83 -13.07
N TYR B 106 6.99 10.48 -14.24
CA TYR B 106 6.89 11.33 -15.42
C TYR B 106 5.42 11.61 -15.79
N PHE B 107 4.62 10.56 -15.91
CA PHE B 107 3.20 10.74 -16.23
C PHE B 107 2.46 11.58 -15.20
N GLU B 108 2.73 11.34 -13.92
CA GLU B 108 2.12 12.15 -12.87
C GLU B 108 2.45 13.63 -13.08
N TYR B 109 3.70 13.90 -13.42
CA TYR B 109 4.13 15.29 -13.62
C TYR B 109 3.44 15.91 -14.83
N VAL B 110 3.53 15.26 -16.00
CA VAL B 110 3.01 15.90 -17.20
C VAL B 110 1.48 15.90 -17.21
N ASP B 111 0.83 14.94 -16.55
CA ASP B 111 -0.63 14.96 -16.53
C ASP B 111 -1.13 16.08 -15.63
N THR B 112 -0.32 16.49 -14.67
CA THR B 112 -0.76 17.49 -13.71
C THR B 112 -0.31 18.90 -14.10
N TYR B 113 0.91 19.02 -14.63
CA TYR B 113 1.48 20.32 -14.93
C TYR B 113 1.95 20.49 -16.37
N GLY B 114 1.81 19.44 -17.15
CA GLY B 114 2.34 19.38 -18.51
C GLY B 114 1.73 20.23 -19.60
N ASP B 115 2.38 20.20 -20.76
CA ASP B 115 2.07 21.03 -21.93
C ASP B 115 0.94 20.40 -22.70
N ASN B 116 1.18 19.12 -23.01
CA ASN B 116 0.36 18.20 -23.80
C ASN B 116 1.36 17.31 -24.55
N ALA B 117 2.52 17.88 -24.90
CA ALA B 117 3.55 17.21 -25.70
C ALA B 117 4.11 15.97 -24.99
N GLY B 118 4.48 14.95 -25.76
CA GLY B 118 4.94 13.67 -25.25
C GLY B 118 4.23 13.11 -24.02
N ARG B 119 3.01 13.61 -23.79
CA ARG B 119 2.19 13.17 -22.68
C ARG B 119 1.17 12.12 -23.12
N ILE B 120 0.50 12.41 -24.23
CA ILE B 120 -0.51 11.50 -24.77
C ILE B 120 0.09 10.34 -25.56
N LEU B 121 0.88 10.67 -26.57
CA LEU B 121 1.62 9.64 -27.30
C LEU B 121 2.93 9.31 -26.60
N ALA B 122 2.88 8.25 -25.79
CA ALA B 122 3.98 7.89 -24.90
C ALA B 122 3.90 6.42 -24.45
N GLY B 123 4.28 5.48 -25.33
CA GLY B 123 4.22 4.06 -25.02
C GLY B 123 5.10 3.54 -23.90
N ALA B 124 4.97 2.25 -23.58
CA ALA B 124 5.69 1.72 -22.41
C ALA B 124 7.18 1.54 -22.65
N LEU B 125 7.55 1.23 -23.88
CA LEU B 125 8.96 1.03 -24.14
C LEU B 125 9.67 2.36 -24.30
N ALA B 126 8.96 3.33 -24.85
CA ALA B 126 9.51 4.65 -25.08
C ALA B 126 9.70 5.48 -23.83
N THR B 127 8.85 5.26 -22.84
CA THR B 127 8.84 6.23 -21.76
C THR B 127 9.55 5.79 -20.50
N TYR B 128 10.82 6.13 -20.43
CA TYR B 128 11.64 5.86 -19.25
C TYR B 128 11.38 4.47 -18.66
N GLN B 129 11.41 3.45 -19.52
CA GLN B 129 10.85 2.16 -19.17
C GLN B 129 11.38 1.52 -17.91
N SER B 130 12.69 1.59 -17.68
CA SER B 130 13.27 0.85 -16.56
C SER B 130 13.92 1.74 -15.51
N GLU B 131 13.80 3.06 -15.66
CA GLU B 131 14.50 4.00 -14.78
C GLU B 131 13.75 4.15 -13.45
N TYR B 132 14.50 4.15 -12.34
CA TYR B 132 13.99 4.39 -11.01
C TYR B 132 14.78 5.50 -10.36
N LEU B 133 14.05 6.41 -9.73
CA LEU B 133 14.67 7.60 -9.11
C LEU B 133 14.72 7.47 -7.60
N ALA B 134 15.93 7.43 -7.04
CA ALA B 134 16.07 7.49 -5.58
C ALA B 134 16.06 8.94 -5.14
N HIS B 135 15.12 9.29 -4.27
CA HIS B 135 15.02 10.67 -3.80
C HIS B 135 16.07 10.98 -2.71
N ARG B 136 16.91 11.98 -3.00
CA ARG B 136 17.86 12.59 -2.06
C ARG B 136 19.11 11.75 -1.81
N ARG B 137 18.93 10.46 -1.49
CA ARG B 137 20.05 9.58 -1.20
C ARG B 137 19.82 8.13 -1.62
N ILE B 138 20.93 7.45 -1.92
CA ILE B 138 20.97 6.01 -1.82
C ILE B 138 21.95 5.70 -0.71
N PRO B 139 21.45 5.33 0.48
CA PRO B 139 22.35 5.09 1.62
C PRO B 139 23.33 3.94 1.34
N PRO B 140 24.52 3.99 1.98
CA PRO B 140 25.50 2.92 1.74
C PRO B 140 24.96 1.52 2.08
N GLU B 141 24.05 1.46 3.05
CA GLU B 141 23.46 0.20 3.46
C GLU B 141 22.62 -0.47 2.37
N ASN B 142 22.17 0.32 1.38
CA ASN B 142 21.40 -0.22 0.25
C ASN B 142 22.29 -0.79 -0.84
N ILE B 143 23.58 -0.51 -0.77
CA ILE B 143 24.48 -0.82 -1.88
C ILE B 143 25.16 -2.16 -1.63
N ARG B 144 24.84 -3.14 -2.47
CA ARG B 144 25.21 -4.52 -2.23
C ARG B 144 26.59 -4.87 -2.78
N ARG B 145 26.84 -4.53 -4.04
CA ARG B 145 28.13 -4.85 -4.66
C ARG B 145 28.39 -3.95 -5.87
N VAL B 146 29.59 -4.07 -6.43
CA VAL B 146 29.95 -3.30 -7.62
C VAL B 146 30.80 -4.14 -8.56
N THR B 147 30.63 -3.86 -9.84
CA THR B 147 31.45 -4.36 -10.93
C THR B 147 32.30 -3.22 -11.49
N ARG B 148 33.61 -3.42 -11.47
CA ARG B 148 34.52 -2.44 -12.06
C ARG B 148 35.01 -2.93 -13.42
N VAL B 149 34.84 -2.09 -14.43
CA VAL B 149 35.32 -2.39 -15.77
C VAL B 149 36.42 -1.42 -16.17
N TYR B 150 37.61 -1.95 -16.42
CA TYR B 150 38.75 -1.14 -16.83
C TYR B 150 39.12 -1.42 -18.28
N HIS B 151 39.15 -0.38 -19.10
CA HIS B 151 39.57 -0.52 -20.49
C HIS B 151 40.88 0.22 -20.66
N ASN B 152 41.88 -0.53 -21.12
CA ASN B 152 43.23 -0.01 -21.36
C ASN B 152 43.32 0.61 -22.73
N GLY B 153 43.48 1.92 -22.77
CA GLY B 153 43.46 2.68 -24.02
C GLY B 153 44.63 2.41 -24.94
N ILE B 154 45.71 1.88 -24.38
CA ILE B 154 46.91 1.64 -25.15
C ILE B 154 46.92 0.24 -25.74
N THR B 155 46.58 -0.76 -24.93
CA THR B 155 46.61 -2.16 -25.36
C THR B 155 45.27 -2.71 -25.85
N GLY B 156 44.19 -2.03 -25.53
CA GLY B 156 42.86 -2.48 -25.90
C GLY B 156 42.22 -3.49 -24.95
N GLU B 157 42.96 -3.87 -23.91
CA GLU B 157 42.48 -4.86 -22.94
C GLU B 157 41.31 -4.31 -22.13
N THR B 158 40.34 -5.17 -21.83
CA THR B 158 39.25 -4.82 -20.91
C THR B 158 39.27 -5.83 -19.75
N THR B 159 39.28 -5.31 -18.53
CA THR B 159 39.34 -6.17 -17.35
C THR B 159 38.17 -5.87 -16.42
N THR B 160 37.51 -6.92 -15.95
CA THR B 160 36.32 -6.78 -15.10
C THR B 160 36.53 -7.46 -13.75
N THR B 161 36.24 -6.73 -12.68
CA THR B 161 36.36 -7.26 -11.32
C THR B 161 35.12 -6.93 -10.49
N GLU B 162 34.92 -7.69 -9.41
CA GLU B 162 33.73 -7.57 -8.58
C GLU B 162 34.11 -7.33 -7.12
N TYR B 163 33.33 -6.53 -6.40
CA TYR B 163 33.57 -6.31 -4.98
C TYR B 163 32.26 -6.22 -4.23
N SER B 164 32.21 -6.76 -3.02
CA SER B 164 31.00 -6.72 -2.21
C SER B 164 31.13 -5.68 -1.10
N ASN B 165 30.01 -5.08 -0.72
CA ASN B 165 30.02 -4.05 0.33
C ASN B 165 29.75 -4.65 1.71
N ALA B 166 30.77 -4.61 2.56
CA ALA B 166 30.63 -5.13 3.92
C ALA B 166 29.52 -4.43 4.72
N ARG B 167 29.16 -3.21 4.33
CA ARG B 167 28.15 -2.42 5.04
C ARG B 167 26.73 -2.72 4.58
N TYR B 168 26.58 -3.54 3.55
CA TYR B 168 25.26 -3.83 3.01
C TYR B 168 24.36 -4.41 4.09
N VAL B 169 23.13 -3.90 4.13
CA VAL B 169 22.10 -4.42 5.02
C VAL B 169 21.04 -5.10 4.18
N SER B 170 20.78 -6.36 4.50
CA SER B 170 19.77 -7.16 3.80
C SER B 170 18.43 -7.00 4.48
N GLN B 171 17.54 -6.20 3.90
CA GLN B 171 16.16 -6.04 4.40
C GLN B 171 15.15 -6.34 3.31
N GLN B 172 13.93 -6.67 3.70
CA GLN B 172 12.89 -6.93 2.71
C GLN B 172 12.28 -5.60 2.27
N THR B 173 12.81 -5.03 1.20
CA THR B 173 12.28 -3.77 0.69
C THR B 173 12.19 -3.85 -0.83
N ARG B 174 11.32 -3.02 -1.40
CA ARG B 174 11.20 -2.89 -2.84
C ARG B 174 10.93 -1.44 -3.18
N ALA B 175 11.04 -1.07 -4.45
CA ALA B 175 10.77 0.31 -4.85
C ALA B 175 9.32 0.68 -4.50
N ASN B 176 9.09 1.98 -4.33
CA ASN B 176 7.76 2.49 -4.10
C ASN B 176 6.85 2.13 -5.25
N PRO B 177 5.62 1.67 -4.97
CA PRO B 177 4.69 1.36 -6.05
C PRO B 177 4.04 2.59 -6.65
N ASN B 178 4.21 3.75 -6.02
CA ASN B 178 3.53 4.99 -6.40
C ASN B 178 4.42 5.99 -7.13
N PRO B 179 3.81 6.91 -7.90
CA PRO B 179 4.66 7.95 -8.49
C PRO B 179 5.26 8.88 -7.44
N TYR B 180 6.42 9.45 -7.74
CA TYR B 180 6.94 10.53 -6.93
C TYR B 180 6.00 11.73 -7.02
N THR B 181 5.71 12.33 -5.86
CA THR B 181 5.01 13.61 -5.79
C THR B 181 5.71 14.55 -4.81
N SER B 182 5.77 15.84 -5.14
CA SER B 182 6.37 16.81 -4.22
C SER B 182 5.41 17.16 -3.09
N ASP C 4 -6.38 -25.61 2.95
CA ASP C 4 -6.93 -24.49 2.19
C ASP C 4 -7.98 -23.75 3.01
N PRO C 5 -8.10 -22.43 2.80
CA PRO C 5 -9.19 -21.66 3.41
C PRO C 5 -10.54 -22.18 2.94
N PRO C 6 -11.60 -21.98 3.75
CA PRO C 6 -12.92 -22.52 3.38
C PRO C 6 -13.51 -21.87 2.14
N ALA C 7 -14.16 -22.68 1.30
CA ALA C 7 -14.91 -22.17 0.15
C ALA C 7 -16.33 -21.81 0.56
N THR C 8 -16.77 -22.38 1.68
CA THR C 8 -18.14 -22.21 2.17
C THR C 8 -18.15 -21.74 3.62
N VAL C 9 -18.95 -20.72 3.90
CA VAL C 9 -19.18 -20.25 5.28
C VAL C 9 -20.66 -20.03 5.48
N TYR C 10 -21.05 -19.80 6.72
CA TYR C 10 -22.46 -19.68 7.08
C TYR C 10 -22.69 -18.43 7.92
N ARG C 11 -23.87 -17.85 7.80
CA ARG C 11 -24.20 -16.69 8.63
C ARG C 11 -25.61 -16.77 9.17
N TYR C 12 -25.74 -16.67 10.49
CA TYR C 12 -27.01 -16.47 11.13
C TYR C 12 -27.42 -15.00 11.05
N ASP C 13 -28.65 -14.75 10.63
CA ASP C 13 -29.16 -13.38 10.53
C ASP C 13 -30.68 -13.41 10.70
N SER C 14 -31.24 -12.28 11.15
CA SER C 14 -32.68 -12.18 11.36
C SER C 14 -33.42 -11.82 10.08
N ARG C 15 -32.69 -11.34 9.09
CA ARG C 15 -33.31 -10.81 7.88
C ARG C 15 -33.59 -11.88 6.83
N PRO C 16 -34.73 -11.76 6.13
CA PRO C 16 -35.24 -12.75 5.18
C PRO C 16 -34.59 -12.68 3.79
N PRO C 17 -34.69 -13.77 3.02
CA PRO C 17 -34.03 -13.81 1.72
C PRO C 17 -34.56 -12.79 0.71
N GLU C 18 -35.81 -12.35 0.86
CA GLU C 18 -36.34 -11.31 -0.02
C GLU C 18 -35.44 -10.07 0.00
N ASP C 19 -34.78 -9.86 1.14
CA ASP C 19 -33.77 -8.83 1.27
C ASP C 19 -32.40 -9.37 0.85
N VAL C 20 -31.92 -10.36 1.59
CA VAL C 20 -30.53 -10.82 1.47
C VAL C 20 -30.18 -11.44 0.11
N PHE C 21 -31.07 -12.22 -0.50
CA PHE C 21 -30.76 -12.85 -1.78
C PHE C 21 -30.59 -11.84 -2.91
N GLN C 22 -31.28 -10.71 -2.80
CA GLN C 22 -31.21 -9.67 -3.82
C GLN C 22 -30.10 -8.66 -3.52
N ASN C 23 -29.97 -8.33 -2.23
CA ASN C 23 -29.12 -7.19 -1.83
C ASN C 23 -27.79 -7.59 -1.22
N GLY C 24 -27.66 -8.86 -0.86
CA GLY C 24 -26.50 -9.32 -0.10
C GLY C 24 -26.50 -8.82 1.33
N PHE C 25 -25.35 -8.97 2.00
CA PHE C 25 -25.13 -8.36 3.30
C PHE C 25 -24.22 -7.14 3.13
N THR C 26 -24.61 -6.02 3.73
CA THR C 26 -23.77 -4.84 3.78
C THR C 26 -23.35 -4.59 5.22
N ALA C 27 -22.08 -4.27 5.44
CA ALA C 27 -21.61 -4.00 6.79
C ALA C 27 -22.26 -2.73 7.34
N TRP C 28 -22.34 -2.64 8.66
CA TRP C 28 -22.94 -1.47 9.31
C TRP C 28 -22.27 -0.16 8.91
N GLY C 29 -20.94 -0.17 8.81
CA GLY C 29 -20.22 1.07 8.57
C GLY C 29 -18.77 0.87 8.18
N ASN C 30 -17.92 1.81 8.58
CA ASN C 30 -16.52 1.81 8.12
C ASN C 30 -15.53 1.57 9.25
N ASN C 31 -16.01 1.09 10.41
CA ASN C 31 -15.11 0.81 11.52
C ASN C 31 -14.46 -0.56 11.33
N ASP C 32 -13.22 -0.58 10.86
CA ASP C 32 -12.57 -1.87 10.58
C ASP C 32 -11.62 -2.29 11.70
N ASN C 33 -11.89 -1.84 12.92
CA ASN C 33 -11.11 -2.31 14.07
C ASN C 33 -11.48 -3.75 14.38
N VAL C 34 -10.55 -4.68 14.18
CA VAL C 34 -10.84 -6.11 14.33
C VAL C 34 -11.17 -6.52 15.78
N LEU C 35 -10.45 -5.92 16.73
CA LEU C 35 -10.70 -6.23 18.13
C LEU C 35 -12.10 -5.76 18.57
N GLU C 36 -12.49 -4.56 18.14
CA GLU C 36 -13.82 -4.07 18.46
C GLU C 36 -14.89 -4.93 17.81
N HIS C 37 -14.62 -5.40 16.61
CA HIS C 37 -15.61 -6.25 15.97
C HIS C 37 -15.78 -7.60 16.67
N LEU C 38 -14.68 -8.28 16.93
CA LEU C 38 -14.74 -9.64 17.42
C LEU C 38 -15.26 -9.75 18.85
N THR C 39 -15.19 -8.66 19.60
CA THR C 39 -15.73 -8.60 20.96
C THR C 39 -17.15 -8.06 21.00
N GLY C 40 -17.70 -7.70 19.85
CA GLY C 40 -19.07 -7.21 19.78
C GLY C 40 -19.26 -5.71 19.95
N ARG C 41 -18.18 -4.95 20.11
CA ARG C 41 -18.32 -3.54 20.41
C ARG C 41 -18.92 -2.72 19.24
N SER C 42 -18.70 -3.18 18.01
CA SER C 42 -19.10 -2.44 16.82
C SER C 42 -20.33 -3.01 16.10
N SER C 43 -20.96 -4.00 16.73
CA SER C 43 -22.11 -4.68 16.16
C SER C 43 -23.42 -3.98 16.48
N GLN C 44 -24.53 -4.67 16.20
CA GLN C 44 -25.85 -4.11 16.40
C GLN C 44 -26.08 -3.66 17.84
N VAL C 45 -25.59 -4.45 18.79
CA VAL C 45 -25.82 -4.16 20.20
C VAL C 45 -24.76 -3.19 20.76
N GLY C 46 -23.81 -2.82 19.92
CA GLY C 46 -22.79 -1.85 20.29
C GLY C 46 -22.88 -0.57 19.47
N SER C 47 -21.79 -0.20 18.79
CA SER C 47 -21.75 1.08 18.08
C SER C 47 -22.35 1.00 16.66
N SER C 48 -22.77 -0.19 16.26
CA SER C 48 -23.43 -0.38 14.98
C SER C 48 -22.73 0.32 13.80
N ASN C 49 -21.40 0.16 13.73
CA ASN C 49 -20.65 0.75 12.64
C ASN C 49 -19.52 -0.13 12.10
N SER C 50 -19.53 -1.41 12.45
CA SER C 50 -18.52 -2.35 11.95
C SER C 50 -18.44 -2.40 10.44
N ALA C 51 -17.21 -2.52 9.91
CA ALA C 51 -17.00 -2.74 8.49
C ALA C 51 -16.96 -4.24 8.13
N PHE C 52 -17.27 -5.11 9.09
CA PHE C 52 -17.22 -6.55 8.84
C PHE C 52 -18.57 -7.22 8.95
N VAL C 53 -18.79 -8.21 8.09
CA VAL C 53 -19.94 -9.11 8.22
C VAL C 53 -19.41 -10.49 8.64
N SER C 54 -19.74 -10.90 9.85
CA SER C 54 -19.26 -12.17 10.40
C SER C 54 -19.93 -13.38 9.75
N THR C 55 -19.15 -14.43 9.57
CA THR C 55 -19.63 -15.73 9.09
C THR C 55 -18.80 -16.77 9.84
N SER C 56 -19.17 -18.03 9.67
CA SER C 56 -18.43 -19.15 10.28
C SER C 56 -18.22 -20.25 9.30
N SER C 57 -17.05 -20.89 9.36
CA SER C 57 -16.80 -22.08 8.56
C SER C 57 -17.62 -23.26 9.08
N SER C 58 -18.14 -23.12 10.29
CA SER C 58 -18.91 -24.14 10.96
C SER C 58 -20.41 -23.86 10.91
N ARG C 59 -21.17 -24.66 10.18
CA ARG C 59 -22.63 -24.50 10.21
C ARG C 59 -23.15 -24.65 11.63
N ARG C 60 -22.61 -25.61 12.38
CA ARG C 60 -23.05 -25.85 13.74
C ARG C 60 -22.92 -24.58 14.60
N TYR C 61 -21.84 -23.85 14.41
CA TYR C 61 -21.64 -22.60 15.13
C TYR C 61 -22.86 -21.70 14.95
N THR C 62 -23.30 -21.55 13.70
CA THR C 62 -24.42 -20.64 13.45
C THR C 62 -25.76 -21.21 13.95
N GLU C 63 -25.86 -22.54 13.97
CA GLU C 63 -27.06 -23.21 14.51
C GLU C 63 -27.18 -22.97 16.02
N VAL C 64 -26.05 -23.07 16.72
CA VAL C 64 -26.01 -22.79 18.15
C VAL C 64 -26.41 -21.34 18.44
N TYR C 65 -25.91 -20.42 17.62
CA TYR C 65 -26.26 -19.00 17.74
C TYR C 65 -27.76 -18.82 17.54
N LEU C 66 -28.32 -19.40 16.47
CA LEU C 66 -29.75 -19.32 16.22
C LEU C 66 -30.52 -19.90 17.40
N GLU C 67 -30.05 -21.04 17.90
CA GLU C 67 -30.74 -21.70 19.00
C GLU C 67 -30.72 -20.86 20.27
N HIS C 68 -29.61 -20.16 20.49
CA HIS C 68 -29.55 -19.26 21.63
C HIS C 68 -30.57 -18.11 21.51
N ARG C 69 -30.64 -17.49 20.33
CA ARG C 69 -31.55 -16.37 20.11
C ARG C 69 -33.00 -16.87 20.24
N MET C 70 -33.24 -18.10 19.79
CA MET C 70 -34.55 -18.71 19.96
C MET C 70 -34.87 -18.91 21.44
N GLN C 71 -33.93 -19.45 22.19
CA GLN C 71 -34.17 -19.67 23.62
C GLN C 71 -34.31 -18.35 24.36
N GLU C 72 -33.61 -17.31 23.91
CA GLU C 72 -33.79 -16.00 24.54
C GLU C 72 -35.22 -15.49 24.35
N ALA C 73 -35.82 -15.78 23.20
CA ALA C 73 -37.20 -15.40 22.99
C ALA C 73 -38.14 -16.15 23.94
N VAL C 74 -37.87 -17.44 24.15
CA VAL C 74 -38.64 -18.25 25.08
C VAL C 74 -38.47 -17.77 26.52
N GLU C 75 -37.23 -17.44 26.90
CA GLU C 75 -36.96 -16.96 28.26
C GLU C 75 -37.70 -15.66 28.48
N ALA C 76 -37.74 -14.84 27.45
CA ALA C 76 -38.42 -13.55 27.51
C ALA C 76 -39.91 -13.73 27.78
N GLU C 77 -40.51 -14.75 27.17
CA GLU C 77 -41.92 -15.01 27.35
C GLU C 77 -42.17 -15.48 28.78
N ARG C 78 -41.29 -16.35 29.26
CA ARG C 78 -41.40 -16.88 30.61
C ARG C 78 -41.29 -15.77 31.66
N ALA C 79 -40.63 -14.68 31.29
CA ALA C 79 -40.39 -13.57 32.21
C ALA C 79 -41.43 -12.48 32.03
N GLY C 80 -42.42 -12.74 31.17
CA GLY C 80 -43.51 -11.82 30.96
C GLY C 80 -43.17 -10.68 30.01
N ARG C 81 -42.07 -10.80 29.28
CA ARG C 81 -41.64 -9.76 28.36
C ARG C 81 -41.59 -10.24 26.90
N GLY C 82 -42.46 -11.18 26.53
CA GLY C 82 -42.50 -11.61 25.15
C GLY C 82 -43.52 -12.71 24.90
N THR C 83 -43.71 -13.07 23.63
CA THR C 83 -44.63 -14.16 23.29
C THR C 83 -43.91 -15.49 23.00
N GLY C 84 -42.60 -15.45 22.84
CA GLY C 84 -41.86 -16.66 22.56
C GLY C 84 -41.65 -16.96 21.09
N HIS C 85 -42.32 -16.22 20.21
CA HIS C 85 -42.14 -16.41 18.78
C HIS C 85 -40.76 -15.98 18.32
N PHE C 86 -40.22 -16.71 17.35
CA PHE C 86 -38.89 -16.43 16.84
C PHE C 86 -38.77 -16.90 15.39
N ILE C 87 -38.16 -16.06 14.55
CA ILE C 87 -37.83 -16.44 13.18
C ILE C 87 -36.35 -16.18 12.97
N GLY C 88 -35.62 -17.22 12.56
CA GLY C 88 -34.19 -17.08 12.32
C GLY C 88 -33.78 -17.67 10.99
N TYR C 89 -32.67 -17.18 10.43
CA TYR C 89 -32.18 -17.65 9.14
C TYR C 89 -30.71 -18.02 9.21
N ILE C 90 -30.37 -19.13 8.57
CA ILE C 90 -28.97 -19.49 8.36
C ILE C 90 -28.65 -19.49 6.86
N TYR C 91 -27.79 -18.56 6.46
CA TYR C 91 -27.38 -18.41 5.06
C TYR C 91 -26.12 -19.22 4.76
N GLU C 92 -26.14 -19.94 3.64
CA GLU C 92 -24.96 -20.65 3.15
C GLU C 92 -24.32 -19.80 2.05
N VAL C 93 -23.04 -19.48 2.23
CA VAL C 93 -22.35 -18.44 1.49
C VAL C 93 -21.03 -18.93 0.90
N ARG C 94 -20.75 -18.58 -0.35
CA ARG C 94 -19.42 -18.84 -0.92
C ARG C 94 -18.44 -17.76 -0.50
N ALA C 95 -17.34 -18.16 0.16
CA ALA C 95 -16.33 -17.21 0.59
C ALA C 95 -15.39 -16.89 -0.55
N ASP C 96 -14.86 -15.68 -0.55
CA ASP C 96 -13.85 -15.27 -1.52
C ASP C 96 -12.76 -14.45 -0.85
N ASN C 97 -11.91 -13.80 -1.64
CA ASN C 97 -10.74 -13.11 -1.09
C ASN C 97 -11.05 -11.91 -0.20
N ASN C 98 -12.32 -11.53 -0.11
CA ASN C 98 -12.69 -10.43 0.76
C ASN C 98 -13.14 -10.91 2.13
N PHE C 99 -13.03 -12.23 2.35
CA PHE C 99 -13.33 -12.88 3.62
C PHE C 99 -12.01 -13.22 4.33
N TYR C 100 -11.86 -12.75 5.57
CA TYR C 100 -10.60 -12.92 6.31
C TYR C 100 -10.83 -13.72 7.58
N GLY C 101 -9.92 -14.66 7.87
CA GLY C 101 -10.02 -15.44 9.09
C GLY C 101 -9.93 -14.59 10.34
N ALA C 102 -10.87 -14.75 11.26
CA ALA C 102 -10.89 -13.96 12.48
C ALA C 102 -9.69 -14.25 13.38
N ALA C 103 -9.32 -15.52 13.50
CA ALA C 103 -8.21 -15.91 14.37
C ALA C 103 -6.91 -15.28 13.89
N SER C 104 -6.64 -15.45 12.60
CA SER C 104 -5.45 -14.89 11.99
C SER C 104 -5.44 -13.36 12.10
N SER C 105 -6.59 -12.74 11.86
CA SER C 105 -6.69 -11.29 11.95
C SER C 105 -6.48 -10.80 13.39
N TYR C 106 -7.02 -11.54 14.36
CA TYR C 106 -6.88 -11.19 15.77
C TYR C 106 -5.39 -11.24 16.14
N PHE C 107 -4.72 -12.31 15.71
CA PHE C 107 -3.30 -12.49 15.99
C PHE C 107 -2.52 -11.29 15.46
N GLU C 108 -2.85 -10.90 14.23
CA GLU C 108 -2.23 -9.74 13.58
C GLU C 108 -2.47 -8.45 14.34
N TYR C 109 -3.70 -8.30 14.82
CA TYR C 109 -4.09 -7.09 15.53
C TYR C 109 -3.32 -6.94 16.82
N VAL C 110 -3.29 -7.97 17.66
CA VAL C 110 -2.65 -7.81 18.98
C VAL C 110 -1.11 -7.79 18.87
N ASP C 111 -0.56 -6.59 18.89
CA ASP C 111 0.89 -6.40 18.80
C ASP C 111 1.67 -6.55 20.12
N THR C 112 1.47 -7.67 20.80
CA THR C 112 2.14 -7.92 22.08
C THR C 112 3.30 -8.93 22.04
N TYR C 113 4.45 -8.54 22.59
CA TYR C 113 5.64 -9.39 22.62
C TYR C 113 6.14 -9.45 24.07
N GLY C 114 7.13 -10.29 24.36
CA GLY C 114 7.64 -10.38 25.71
C GLY C 114 7.03 -11.49 26.56
N ASP C 115 7.54 -11.64 27.78
CA ASP C 115 7.03 -12.67 28.70
C ASP C 115 5.53 -12.61 28.81
N ASN C 116 4.95 -13.81 28.75
CA ASN C 116 3.51 -14.08 28.85
C ASN C 116 2.71 -13.65 27.62
N ALA C 117 3.34 -12.92 26.70
CA ALA C 117 2.60 -12.38 25.57
C ALA C 117 2.06 -13.49 24.66
N GLY C 118 2.87 -14.50 24.42
CA GLY C 118 2.43 -15.54 23.49
C GLY C 118 1.34 -16.43 24.06
N ARG C 119 1.34 -16.69 25.37
CA ARG C 119 0.34 -17.60 25.92
C ARG C 119 -0.96 -16.86 26.18
N ILE C 120 -0.88 -15.54 26.32
CA ILE C 120 -2.08 -14.75 26.47
C ILE C 120 -2.86 -14.77 25.15
N LEU C 121 -2.19 -14.41 24.06
CA LEU C 121 -2.75 -14.62 22.74
C LEU C 121 -3.27 -16.04 22.50
N ALA C 122 -2.49 -17.07 22.84
CA ALA C 122 -2.92 -18.44 22.54
C ALA C 122 -4.18 -18.78 23.35
N GLY C 123 -4.28 -18.24 24.56
CA GLY C 123 -5.44 -18.48 25.40
C GLY C 123 -6.69 -17.73 24.96
N ALA C 124 -6.55 -16.82 24.01
CA ALA C 124 -7.65 -16.02 23.50
C ALA C 124 -8.14 -16.41 22.09
N LEU C 125 -7.42 -17.29 21.39
CA LEU C 125 -7.78 -17.53 19.98
C LEU C 125 -8.91 -18.53 19.77
N ALA C 126 -9.25 -19.31 20.79
CA ALA C 126 -10.25 -20.37 20.59
C ALA C 126 -11.64 -19.83 20.27
N THR C 127 -11.97 -18.67 20.80
CA THR C 127 -13.30 -18.12 20.56
C THR C 127 -13.47 -17.65 19.11
N TYR C 128 -12.37 -17.55 18.37
CA TYR C 128 -12.49 -17.01 17.03
C TYR C 128 -12.09 -17.95 15.92
N GLN C 129 -11.85 -19.23 16.23
CA GLN C 129 -11.19 -20.08 15.25
C GLN C 129 -11.99 -20.31 13.95
N SER C 130 -13.30 -20.44 14.05
CA SER C 130 -14.07 -20.74 12.83
C SER C 130 -14.69 -19.50 12.20
N GLU C 131 -14.44 -18.33 12.78
CA GLU C 131 -15.07 -17.10 12.34
C GLU C 131 -14.32 -16.50 11.15
N TYR C 132 -15.06 -16.07 10.13
CA TYR C 132 -14.48 -15.38 8.96
C TYR C 132 -15.19 -14.05 8.75
N LEU C 133 -14.40 -13.00 8.54
CA LEU C 133 -14.93 -11.65 8.42
C LEU C 133 -14.97 -11.22 6.97
N ALA C 134 -16.16 -10.99 6.44
CA ALA C 134 -16.26 -10.40 5.10
C ALA C 134 -16.14 -8.88 5.22
N HIS C 135 -15.15 -8.30 4.55
CA HIS C 135 -14.96 -6.85 4.60
C HIS C 135 -15.95 -6.11 3.69
N ARG C 136 -16.74 -5.21 4.29
CA ARG C 136 -17.63 -4.25 3.59
C ARG C 136 -18.93 -4.87 3.07
N ARG C 137 -18.83 -5.97 2.34
CA ARG C 137 -20.00 -6.59 1.71
C ARG C 137 -19.87 -8.11 1.57
N ILE C 138 -21.01 -8.79 1.58
CA ILE C 138 -21.13 -10.10 0.97
C ILE C 138 -22.12 -9.93 -0.18
N PRO C 139 -21.64 -9.90 -1.42
CA PRO C 139 -22.55 -9.67 -2.55
C PRO C 139 -23.63 -10.75 -2.65
N PRO C 140 -24.80 -10.40 -3.19
CA PRO C 140 -25.86 -11.41 -3.34
C PRO C 140 -25.44 -12.62 -4.18
N GLU C 141 -24.52 -12.42 -5.13
CA GLU C 141 -24.04 -13.52 -5.98
C GLU C 141 -23.28 -14.58 -5.20
N ASN C 142 -22.82 -14.24 -4.00
CA ASN C 142 -22.12 -15.20 -3.14
C ASN C 142 -23.06 -16.06 -2.28
N ILE C 143 -24.31 -15.68 -2.23
CA ILE C 143 -25.23 -16.28 -1.27
C ILE C 143 -26.03 -17.37 -1.96
N ARG C 144 -25.80 -18.61 -1.53
CA ARG C 144 -26.25 -19.78 -2.27
C ARG C 144 -27.67 -20.20 -1.85
N ARG C 145 -27.90 -20.29 -0.54
CA ARG C 145 -29.20 -20.74 -0.04
C ARG C 145 -29.42 -20.29 1.40
N VAL C 146 -30.63 -20.50 1.90
CA VAL C 146 -30.95 -20.16 3.27
C VAL C 146 -31.87 -21.21 3.89
N THR C 147 -31.74 -21.39 5.19
CA THR C 147 -32.63 -22.18 6.02
C THR C 147 -33.39 -21.24 6.95
N ARG C 148 -34.72 -21.31 6.90
CA ARG C 148 -35.56 -20.54 7.81
C ARG C 148 -36.06 -21.44 8.94
N VAL C 149 -35.84 -21.00 10.17
CA VAL C 149 -36.31 -21.68 11.35
C VAL C 149 -37.36 -20.83 12.06
N TYR C 150 -38.58 -21.35 12.14
CA TYR C 150 -39.66 -20.64 12.80
C TYR C 150 -40.08 -21.36 14.08
N HIS C 151 -40.05 -20.63 15.18
CA HIS C 151 -40.51 -21.20 16.44
C HIS C 151 -41.77 -20.49 16.86
N ASN C 152 -42.81 -21.31 17.05
CA ASN C 152 -44.12 -20.82 17.47
C ASN C 152 -44.18 -20.74 19.00
N GLY C 153 -44.26 -19.51 19.52
CA GLY C 153 -44.24 -19.26 20.95
C GLY C 153 -45.45 -19.76 21.70
N ILE C 154 -46.55 -19.97 20.99
CA ILE C 154 -47.79 -20.38 21.60
C ILE C 154 -47.89 -21.91 21.69
N THR C 155 -47.57 -22.60 20.61
CA THR C 155 -47.67 -24.05 20.53
C THR C 155 -46.38 -24.81 20.83
N GLY C 156 -45.25 -24.12 20.75
CA GLY C 156 -43.96 -24.74 20.96
C GLY C 156 -43.40 -25.40 19.72
N GLU C 157 -44.15 -25.37 18.61
CA GLU C 157 -43.69 -25.98 17.36
C GLU C 157 -42.51 -25.24 16.77
N THR C 158 -41.59 -25.99 16.18
CA THR C 158 -40.50 -25.42 15.41
C THR C 158 -40.55 -26.00 14.00
N THR C 159 -40.54 -25.12 13.00
CA THR C 159 -40.66 -25.55 11.60
C THR C 159 -39.49 -25.02 10.81
N THR C 160 -38.90 -25.90 10.00
CA THR C 160 -37.73 -25.57 9.21
C THR C 160 -37.97 -25.71 7.69
N THR C 161 -37.59 -24.68 6.94
CA THR C 161 -37.72 -24.68 5.48
C THR C 161 -36.45 -24.17 4.81
N GLU C 162 -36.30 -24.49 3.52
CA GLU C 162 -35.09 -24.18 2.75
C GLU C 162 -35.44 -23.44 1.47
N TYR C 163 -34.58 -22.49 1.06
CA TYR C 163 -34.81 -21.77 -0.19
C TYR C 163 -33.46 -21.55 -0.88
N SER C 164 -33.45 -21.64 -2.21
CA SER C 164 -32.22 -21.44 -2.96
C SER C 164 -32.22 -20.05 -3.62
N ASN C 165 -31.04 -19.46 -3.81
CA ASN C 165 -30.97 -18.14 -4.42
C ASN C 165 -30.73 -18.22 -5.92
N ALA C 166 -31.72 -17.81 -6.70
CA ALA C 166 -31.60 -17.83 -8.14
C ALA C 166 -30.44 -16.96 -8.62
N ARG C 167 -30.03 -15.98 -7.82
CA ARG C 167 -28.98 -15.05 -8.24
C ARG C 167 -27.57 -15.60 -7.94
N TYR C 168 -27.49 -16.76 -7.29
CA TYR C 168 -26.18 -17.30 -6.92
C TYR C 168 -25.30 -17.53 -8.14
N VAL C 169 -24.04 -17.12 -8.05
CA VAL C 169 -23.07 -17.37 -9.11
C VAL C 169 -22.04 -18.35 -8.59
N SER C 170 -21.86 -19.45 -9.32
CA SER C 170 -20.89 -20.49 -8.95
C SER C 170 -19.53 -20.18 -9.55
N GLN C 171 -18.62 -19.65 -8.75
CA GLN C 171 -17.24 -19.38 -9.15
C GLN C 171 -16.26 -20.10 -8.23
N GLN C 172 -15.04 -20.33 -8.72
CA GLN C 172 -14.03 -20.96 -7.87
C GLN C 172 -13.35 -19.93 -6.99
N THR C 173 -13.86 -19.75 -5.77
CA THR C 173 -13.24 -18.83 -4.82
C THR C 173 -13.18 -19.45 -3.43
N ARG C 174 -12.26 -18.95 -2.61
CA ARG C 174 -12.16 -19.34 -1.21
C ARG C 174 -11.80 -18.11 -0.39
N ALA C 175 -11.90 -18.23 0.93
CA ALA C 175 -11.53 -17.12 1.80
C ALA C 175 -10.06 -16.76 1.60
N ASN C 176 -9.74 -15.51 1.93
CA ASN C 176 -8.38 -15.03 1.90
C ASN C 176 -7.50 -15.84 2.87
N PRO C 177 -6.32 -16.25 2.42
CA PRO C 177 -5.44 -17.00 3.31
C PRO C 177 -4.70 -16.10 4.31
N ASN C 178 -4.80 -14.79 4.13
CA ASN C 178 -4.04 -13.83 4.91
C ASN C 178 -4.89 -13.16 5.97
N PRO C 179 -4.26 -12.63 7.02
CA PRO C 179 -5.05 -11.85 7.98
C PRO C 179 -5.53 -10.56 7.34
N TYR C 180 -6.65 -10.04 7.83
CA TYR C 180 -7.03 -8.68 7.48
C TYR C 180 -6.00 -7.69 8.00
N THR C 181 -5.61 -6.74 7.15
CA THR C 181 -4.83 -5.59 7.60
C THR C 181 -5.43 -4.31 7.03
N SER C 182 -5.50 -3.27 7.84
CA SER C 182 -6.02 -1.98 7.38
C SER C 182 -4.95 -1.18 6.64
N PRO D 2 6.13 -6.06 4.55
CA PRO D 2 7.55 -5.77 4.32
C PRO D 2 7.77 -4.36 3.79
N GLY D 3 8.77 -3.65 4.33
CA GLY D 3 9.09 -2.33 3.84
C GLY D 3 8.38 -1.21 4.59
N ASP D 4 7.28 -1.55 5.25
CA ASP D 4 6.48 -0.59 6.00
C ASP D 4 7.26 0.07 7.15
N PRO D 5 6.91 1.32 7.49
CA PRO D 5 7.47 1.94 8.70
C PRO D 5 7.15 1.08 9.93
N PRO D 6 7.96 1.19 11.00
CA PRO D 6 7.79 0.34 12.17
C PRO D 6 6.47 0.59 12.92
N ALA D 7 5.87 -0.48 13.41
CA ALA D 7 4.71 -0.39 14.28
C ALA D 7 5.15 -0.27 15.75
N THR D 8 6.36 -0.73 16.02
CA THR D 8 6.90 -0.70 17.38
C THR D 8 8.26 -0.01 17.40
N VAL D 9 8.42 0.90 18.35
CA VAL D 9 9.71 1.55 18.57
C VAL D 9 10.02 1.54 20.07
N TYR D 10 11.24 1.93 20.42
CA TYR D 10 11.74 1.84 21.78
C TYR D 10 12.37 3.15 22.23
N ARG D 11 12.30 3.44 23.52
CA ARG D 11 12.95 4.63 24.05
C ARG D 11 13.61 4.37 25.40
N TYR D 12 14.89 4.70 25.49
CA TYR D 12 15.57 4.76 26.78
C TYR D 12 15.26 6.10 27.46
N ASP D 13 14.87 6.03 28.73
CA ASP D 13 14.56 7.22 29.50
C ASP D 13 14.88 6.95 30.96
N SER D 14 15.23 8.00 31.71
CA SER D 14 15.57 7.85 33.13
C SER D 14 14.33 7.88 33.99
N ARG D 15 13.21 8.33 33.41
CA ARG D 15 12.01 8.56 34.20
C ARG D 15 11.22 7.27 34.39
N PRO D 16 10.63 7.09 35.60
CA PRO D 16 10.00 5.82 35.99
C PRO D 16 8.60 5.62 35.41
N PRO D 17 8.17 4.36 35.30
CA PRO D 17 6.91 4.09 34.60
C PRO D 17 5.67 4.63 35.33
N GLU D 18 5.71 4.80 36.64
CA GLU D 18 4.56 5.38 37.33
C GLU D 18 4.22 6.76 36.77
N ASP D 19 5.24 7.47 36.33
CA ASP D 19 5.08 8.76 35.69
C ASP D 19 4.81 8.58 34.19
N VAL D 20 5.70 7.87 33.49
CA VAL D 20 5.59 7.77 32.04
C VAL D 20 4.30 7.07 31.59
N PHE D 21 3.89 6.02 32.32
CA PHE D 21 2.67 5.29 31.95
C PHE D 21 1.42 6.18 32.11
N GLN D 22 1.49 7.15 33.03
CA GLN D 22 0.33 8.02 33.30
C GLN D 22 0.34 9.24 32.39
N ASN D 23 1.52 9.79 32.15
CA ASN D 23 1.65 11.09 31.49
C ASN D 23 2.07 11.01 30.03
N GLY D 24 2.55 9.85 29.61
CA GLY D 24 3.16 9.71 28.29
C GLY D 24 4.49 10.44 28.25
N PHE D 25 5.06 10.59 27.05
CA PHE D 25 6.22 11.44 26.89
C PHE D 25 5.75 12.71 26.20
N THR D 26 6.05 13.86 26.79
CA THR D 26 5.78 15.11 26.10
C THR D 26 7.12 15.73 25.74
N ALA D 27 7.20 16.32 24.55
CA ALA D 27 8.43 16.96 24.13
C ALA D 27 8.78 18.15 25.04
N TRP D 28 10.08 18.48 25.07
CA TRP D 28 10.58 19.59 25.88
C TRP D 28 9.90 20.91 25.58
N GLY D 29 9.67 21.19 24.30
CA GLY D 29 9.18 22.50 23.91
C GLY D 29 8.70 22.52 22.48
N ASN D 30 8.88 23.68 21.83
CA ASN D 30 8.33 23.88 20.49
C ASN D 30 9.37 24.07 19.43
N ASN D 31 10.61 23.75 19.75
CA ASN D 31 11.69 23.82 18.77
C ASN D 31 11.68 22.60 17.86
N ASP D 32 11.10 22.75 16.66
CA ASP D 32 10.98 21.61 15.76
C ASP D 32 12.05 21.64 14.66
N ASN D 33 13.18 22.26 14.94
CA ASN D 33 14.33 22.19 14.04
C ASN D 33 14.95 20.80 14.08
N VAL D 34 14.85 20.06 12.97
CA VAL D 34 15.29 18.67 12.92
C VAL D 34 16.80 18.52 13.14
N LEU D 35 17.57 19.43 12.57
CA LEU D 35 19.01 19.38 12.72
C LEU D 35 19.41 19.60 14.18
N GLU D 36 18.76 20.57 14.83
CA GLU D 36 19.09 20.83 16.23
C GLU D 36 18.70 19.62 17.07
N HIS D 37 17.63 18.94 16.70
CA HIS D 37 17.27 17.76 17.47
C HIS D 37 18.26 16.61 17.30
N LEU D 38 18.58 16.29 16.05
CA LEU D 38 19.36 15.09 15.74
C LEU D 38 20.82 15.21 16.15
N THR D 39 21.30 16.44 16.35
CA THR D 39 22.64 16.64 16.86
C THR D 39 22.66 16.68 18.39
N GLY D 40 21.48 16.69 18.99
CA GLY D 40 21.34 16.76 20.43
C GLY D 40 21.26 18.19 21.00
N ARG D 41 21.30 19.20 20.13
CA ARG D 41 21.36 20.58 20.62
C ARG D 41 20.08 21.02 21.36
N SER D 42 18.94 20.43 21.02
CA SER D 42 17.70 20.89 21.62
C SER D 42 17.24 19.93 22.71
N SER D 43 18.08 18.94 23.02
CA SER D 43 17.74 17.95 24.04
C SER D 43 18.17 18.42 25.42
N GLN D 44 18.14 17.51 26.38
CA GLN D 44 18.45 17.83 27.77
C GLN D 44 19.84 18.45 27.92
N VAL D 45 20.80 17.99 27.12
CA VAL D 45 22.19 18.41 27.27
C VAL D 45 22.44 19.76 26.57
N GLY D 46 21.42 20.25 25.86
CA GLY D 46 21.48 21.54 25.19
C GLY D 46 20.44 22.53 25.68
N SER D 47 19.54 22.93 24.78
CA SER D 47 18.56 23.96 25.10
C SER D 47 17.25 23.44 25.72
N SER D 48 17.12 22.11 25.81
CA SER D 48 15.95 21.48 26.42
C SER D 48 14.64 22.07 25.95
N ASN D 49 14.48 22.22 24.63
CA ASN D 49 13.24 22.76 24.09
C ASN D 49 12.76 22.08 22.81
N SER D 50 13.33 20.91 22.52
CA SER D 50 12.94 20.15 21.33
C SER D 50 11.45 19.83 21.27
N ALA D 51 10.90 19.86 20.06
CA ALA D 51 9.52 19.48 19.82
C ALA D 51 9.35 17.99 19.51
N PHE D 52 10.44 17.23 19.60
CA PHE D 52 10.44 15.80 19.27
C PHE D 52 10.81 14.92 20.46
N VAL D 53 10.17 13.75 20.53
CA VAL D 53 10.59 12.69 21.44
C VAL D 53 11.23 11.58 20.63
N SER D 54 12.52 11.36 20.86
CA SER D 54 13.26 10.35 20.11
C SER D 54 12.91 8.93 20.52
N THR D 55 12.83 8.06 19.52
CA THR D 55 12.63 6.62 19.71
C THR D 55 13.49 5.88 18.69
N SER D 56 13.59 4.57 18.83
CA SER D 56 14.33 3.76 17.86
C SER D 56 13.57 2.52 17.48
N SER D 57 13.64 2.15 16.20
CA SER D 57 13.09 0.87 15.74
C SER D 57 13.95 -0.28 16.25
N SER D 58 15.17 0.03 16.70
CA SER D 58 16.13 -0.95 17.21
C SER D 58 16.15 -0.96 18.73
N ARG D 59 15.66 -2.03 19.35
CA ARG D 59 15.74 -2.14 20.80
C ARG D 59 17.22 -2.12 21.24
N ARG D 60 18.07 -2.78 20.45
CA ARG D 60 19.49 -2.85 20.77
C ARG D 60 20.10 -1.45 20.89
N TYR D 61 19.70 -0.54 20.01
CA TYR D 61 20.17 0.85 20.12
C TYR D 61 19.90 1.44 21.49
N THR D 62 18.69 1.26 21.98
CA THR D 62 18.33 1.88 23.25
C THR D 62 19.03 1.17 24.40
N GLU D 63 19.31 -0.12 24.24
CA GLU D 63 20.06 -0.89 25.24
C GLU D 63 21.49 -0.38 25.36
N VAL D 64 22.12 -0.10 24.22
CA VAL D 64 23.47 0.43 24.18
C VAL D 64 23.53 1.78 24.89
N TYR D 65 22.52 2.61 24.62
CA TYR D 65 22.38 3.92 25.24
C TYR D 65 22.27 3.73 26.74
N LEU D 66 21.38 2.83 27.16
CA LEU D 66 21.23 2.54 28.60
C LEU D 66 22.54 2.07 29.20
N GLU D 67 23.23 1.18 28.51
CA GLU D 67 24.47 0.62 29.03
C GLU D 67 25.54 1.69 29.18
N HIS D 68 25.55 2.66 28.26
CA HIS D 68 26.49 3.77 28.36
C HIS D 68 26.22 4.62 29.59
N ARG D 69 24.95 4.97 29.82
CA ARG D 69 24.63 5.77 31.01
C ARG D 69 24.90 4.98 32.30
N MET D 70 24.67 3.68 32.27
CA MET D 70 24.97 2.85 33.43
C MET D 70 26.47 2.89 33.74
N GLN D 71 27.29 2.78 32.71
CA GLN D 71 28.74 2.78 32.91
C GLN D 71 29.22 4.14 33.40
N GLU D 72 28.58 5.21 32.93
CA GLU D 72 28.93 6.55 33.40
C GLU D 72 28.63 6.68 34.89
N ALA D 73 27.54 6.08 35.35
CA ALA D 73 27.26 6.08 36.78
C ALA D 73 28.35 5.34 37.55
N VAL D 74 28.85 4.25 36.98
CA VAL D 74 29.94 3.51 37.61
C VAL D 74 31.20 4.36 37.69
N GLU D 75 31.53 5.04 36.60
CA GLU D 75 32.70 5.91 36.56
C GLU D 75 32.54 7.06 37.57
N ALA D 76 31.32 7.56 37.69
CA ALA D 76 31.03 8.64 38.62
C ALA D 76 31.30 8.22 40.06
N GLU D 77 30.96 6.99 40.40
CA GLU D 77 31.22 6.54 41.77
C GLU D 77 32.71 6.28 41.95
N ARG D 78 33.36 5.69 40.94
CA ARG D 78 34.79 5.42 41.01
C ARG D 78 35.56 6.73 41.18
N ALA D 79 34.97 7.83 40.71
CA ALA D 79 35.61 9.14 40.79
C ALA D 79 35.06 9.99 41.94
N GLY D 80 34.16 9.42 42.74
CA GLY D 80 33.67 10.11 43.92
C GLY D 80 32.55 11.11 43.70
N ARG D 81 31.88 11.07 42.55
CA ARG D 81 30.82 12.02 42.25
C ARG D 81 29.45 11.36 42.09
N GLY D 82 29.21 10.28 42.82
CA GLY D 82 27.93 9.59 42.74
C GLY D 82 27.83 8.41 43.69
N THR D 83 26.65 7.81 43.76
CA THR D 83 26.42 6.70 44.69
C THR D 83 26.69 5.33 44.06
N GLY D 84 26.79 5.31 42.73
CA GLY D 84 27.02 4.05 42.04
C GLY D 84 25.70 3.40 41.67
N HIS D 85 24.60 3.89 42.24
CA HIS D 85 23.28 3.37 41.89
C HIS D 85 22.85 3.89 40.53
N PHE D 86 22.15 3.05 39.77
CA PHE D 86 21.66 3.43 38.47
C PHE D 86 20.36 2.68 38.21
N ILE D 87 19.36 3.42 37.75
CA ILE D 87 18.14 2.82 37.25
C ILE D 87 17.85 3.40 35.89
N GLY D 88 17.70 2.52 34.91
CA GLY D 88 17.41 2.96 33.55
C GLY D 88 16.20 2.20 33.06
N TYR D 89 15.48 2.80 32.10
CA TYR D 89 14.27 2.19 31.58
C TYR D 89 14.26 2.16 30.06
N ILE D 90 13.81 1.04 29.50
CA ILE D 90 13.56 0.95 28.08
C ILE D 90 12.08 0.75 27.85
N TYR D 91 11.44 1.74 27.25
CA TYR D 91 10.00 1.71 27.00
C TYR D 91 9.68 1.14 25.63
N GLU D 92 8.69 0.25 25.57
CA GLU D 92 8.22 -0.28 24.30
C GLU D 92 6.98 0.50 23.88
N VAL D 93 7.01 1.06 22.68
CA VAL D 93 6.03 2.05 22.27
C VAL D 93 5.42 1.70 20.92
N ARG D 94 4.10 1.84 20.80
CA ARG D 94 3.42 1.73 19.50
C ARG D 94 3.56 3.05 18.76
N ALA D 95 4.16 3.00 17.57
CA ALA D 95 4.31 4.17 16.71
C ALA D 95 3.02 4.44 15.92
N ASP D 96 2.78 5.71 15.64
CA ASP D 96 1.65 6.08 14.78
C ASP D 96 2.07 7.21 13.83
N ASN D 97 1.10 7.84 13.18
CA ASN D 97 1.41 8.85 12.14
C ASN D 97 2.10 10.12 12.62
N ASN D 98 2.24 10.28 13.93
CA ASN D 98 2.98 11.41 14.49
C ASN D 98 4.45 11.08 14.71
N PHE D 99 4.85 9.86 14.32
CA PHE D 99 6.24 9.41 14.41
C PHE D 99 6.87 9.47 13.03
N TYR D 100 7.98 10.18 12.90
CA TYR D 100 8.62 10.41 11.59
C TYR D 100 10.03 9.84 11.55
N GLY D 101 10.40 9.21 10.44
CA GLY D 101 11.76 8.70 10.30
C GLY D 101 12.79 9.83 10.37
N ALA D 102 13.78 9.66 11.23
CA ALA D 102 14.81 10.67 11.39
C ALA D 102 15.67 10.83 10.14
N ALA D 103 15.97 9.72 9.46
CA ALA D 103 16.85 9.77 8.28
C ALA D 103 16.23 10.63 7.17
N SER D 104 15.00 10.30 6.76
CA SER D 104 14.36 11.07 5.71
C SER D 104 14.14 12.51 6.15
N SER D 105 13.80 12.71 7.42
CA SER D 105 13.58 14.05 7.94
C SER D 105 14.88 14.86 7.88
N TYR D 106 15.99 14.20 8.22
CA TYR D 106 17.29 14.84 8.16
C TYR D 106 17.66 15.23 6.75
N PHE D 107 17.52 14.31 5.80
CA PHE D 107 17.92 14.59 4.42
C PHE D 107 17.15 15.79 3.89
N GLU D 108 15.84 15.81 4.13
CA GLU D 108 15.02 16.93 3.68
C GLU D 108 15.49 18.23 4.34
N TYR D 109 15.76 18.18 5.64
CA TYR D 109 16.18 19.39 6.32
C TYR D 109 17.48 19.94 5.75
N VAL D 110 18.52 19.12 5.71
CA VAL D 110 19.84 19.65 5.36
C VAL D 110 19.96 19.99 3.89
N ASP D 111 19.15 19.35 3.04
CA ASP D 111 19.25 19.70 1.62
C ASP D 111 18.57 21.03 1.35
N THR D 112 17.81 21.47 2.35
CA THR D 112 17.07 22.71 2.25
C THR D 112 17.77 23.85 2.98
N TYR D 113 18.26 23.61 4.19
CA TYR D 113 18.80 24.69 5.01
C TYR D 113 20.26 24.49 5.37
N GLY D 114 20.82 23.37 4.95
CA GLY D 114 22.20 23.04 5.24
C GLY D 114 22.53 22.74 6.68
N ASP D 115 23.77 22.30 6.86
CA ASP D 115 24.30 21.93 8.16
C ASP D 115 25.45 22.87 8.45
N ASN D 116 26.05 22.73 9.62
CA ASN D 116 27.28 23.41 9.98
C ASN D 116 27.92 22.39 10.90
N ALA D 117 28.55 21.40 10.31
CA ALA D 117 28.95 20.19 11.03
C ALA D 117 29.85 20.47 12.22
N GLY D 118 29.44 19.96 13.39
CA GLY D 118 30.25 20.18 14.57
C GLY D 118 29.96 21.47 15.31
N ARG D 119 29.29 22.41 14.63
CA ARG D 119 28.95 23.71 15.18
C ARG D 119 27.49 23.89 15.66
N ILE D 120 26.59 22.93 15.37
CA ILE D 120 25.19 23.08 15.80
C ILE D 120 25.12 22.82 17.30
N LEU D 121 25.50 21.61 17.71
CA LEU D 121 25.89 21.33 19.09
C LEU D 121 27.38 21.09 19.00
N ALA D 122 28.18 21.84 19.74
CA ALA D 122 29.64 21.78 19.61
C ALA D 122 30.18 20.35 19.68
N GLY D 123 30.90 19.94 18.63
CA GLY D 123 31.51 18.62 18.59
C GLY D 123 30.61 17.49 18.10
N ALA D 124 29.34 17.81 17.84
CA ALA D 124 28.37 16.80 17.42
C ALA D 124 28.10 16.76 15.91
N LEU D 125 27.89 15.55 15.40
CA LEU D 125 27.39 15.34 14.04
C LEU D 125 25.93 14.92 14.12
N ALA D 126 25.14 15.21 13.10
CA ALA D 126 23.78 14.72 13.11
C ALA D 126 23.77 13.20 12.90
N THR D 127 23.06 12.47 13.73
CA THR D 127 22.93 11.02 13.50
C THR D 127 21.46 10.70 13.45
N TYR D 128 21.10 9.57 12.85
CA TYR D 128 19.69 9.26 12.68
C TYR D 128 19.37 7.78 12.44
N GLN D 129 20.35 6.87 12.52
CA GLN D 129 20.08 5.48 12.13
C GLN D 129 19.02 4.88 13.03
N SER D 130 17.99 4.26 12.43
CA SER D 130 16.87 3.62 13.14
C SER D 130 16.01 4.52 14.01
N GLU D 131 16.29 5.82 13.97
CA GLU D 131 15.63 6.78 14.84
C GLU D 131 14.31 7.26 14.27
N TYR D 132 13.30 7.33 15.15
CA TYR D 132 11.99 7.87 14.79
C TYR D 132 11.61 8.98 15.76
N LEU D 133 11.16 10.09 15.22
CA LEU D 133 10.87 11.26 16.03
C LEU D 133 9.37 11.40 16.22
N ALA D 134 8.93 11.29 17.47
CA ALA D 134 7.53 11.56 17.76
C ALA D 134 7.36 13.07 17.96
N HIS D 135 6.53 13.66 17.11
CA HIS D 135 6.28 15.08 17.16
C HIS D 135 5.33 15.43 18.30
N ARG D 136 5.79 16.33 19.17
CA ARG D 136 5.01 16.92 20.25
C ARG D 136 4.79 15.98 21.45
N ARG D 137 4.24 14.79 21.24
CA ARG D 137 4.09 13.86 22.37
C ARG D 137 3.92 12.41 21.92
N ILE D 138 4.22 11.51 22.85
CA ILE D 138 3.79 10.13 22.78
C ILE D 138 2.74 9.90 23.86
N PRO D 139 1.46 9.75 23.48
CA PRO D 139 0.41 9.56 24.48
C PRO D 139 0.64 8.31 25.34
N PRO D 140 0.17 8.33 26.59
CA PRO D 140 0.36 7.16 27.45
C PRO D 140 -0.28 5.89 26.84
N GLU D 141 -1.34 6.07 26.06
CA GLU D 141 -2.03 4.93 25.45
C GLU D 141 -1.16 4.19 24.45
N ASN D 142 -0.11 4.86 23.96
CA ASN D 142 0.83 4.23 23.02
C ASN D 142 1.93 3.43 23.72
N ILE D 143 2.06 3.59 25.02
CA ILE D 143 3.21 3.03 25.72
C ILE D 143 2.83 1.68 26.33
N ARG D 144 3.41 0.62 25.80
CA ARG D 144 2.95 -0.75 26.07
C ARG D 144 3.58 -1.41 27.30
N ARG D 145 4.91 -1.33 27.40
CA ARG D 145 5.63 -1.98 28.49
C ARG D 145 6.91 -1.23 28.76
N VAL D 146 7.58 -1.61 29.84
CA VAL D 146 8.88 -1.04 30.18
C VAL D 146 9.78 -2.14 30.74
N THR D 147 11.08 -2.02 30.46
CA THR D 147 12.08 -2.86 31.10
C THR D 147 12.92 -1.96 32.00
N ARG D 148 12.94 -2.29 33.29
CA ARG D 148 13.70 -1.57 34.29
C ARG D 148 15.01 -2.29 34.56
N VAL D 149 16.11 -1.60 34.36
CA VAL D 149 17.44 -2.14 34.61
C VAL D 149 18.03 -1.39 35.78
N TYR D 150 18.27 -2.12 36.87
CA TYR D 150 18.83 -1.58 38.10
C TYR D 150 20.24 -2.10 38.33
N HIS D 151 21.19 -1.20 38.53
CA HIS D 151 22.54 -1.61 38.89
C HIS D 151 23.03 -0.90 40.15
N ASN D 152 23.38 -1.66 41.18
CA ASN D 152 24.03 -1.11 42.35
C ASN D 152 25.53 -1.22 42.11
N GLY D 153 26.19 -0.09 41.84
CA GLY D 153 27.60 -0.10 41.46
C GLY D 153 28.52 -0.54 42.57
N ILE D 154 28.05 -0.44 43.81
CA ILE D 154 28.94 -0.79 44.89
C ILE D 154 28.83 -2.27 45.25
N THR D 155 27.61 -2.80 45.31
CA THR D 155 27.41 -4.19 45.69
C THR D 155 27.39 -5.15 44.53
N GLY D 156 27.21 -4.63 43.32
CA GLY D 156 27.10 -5.48 42.16
C GLY D 156 25.69 -5.99 41.87
N GLU D 157 24.71 -5.60 42.71
CA GLU D 157 23.33 -6.07 42.51
C GLU D 157 22.85 -5.55 41.15
N THR D 158 22.39 -6.46 40.31
CA THR D 158 21.80 -6.09 39.02
C THR D 158 20.45 -6.79 38.80
N THR D 159 19.41 -6.04 38.48
CA THR D 159 18.11 -6.68 38.22
C THR D 159 17.48 -6.14 36.93
N THR D 160 16.83 -7.02 36.19
CA THR D 160 16.09 -6.60 35.01
C THR D 160 14.65 -7.03 35.22
N THR D 161 13.72 -6.09 35.15
CA THR D 161 12.33 -6.40 35.41
C THR D 161 11.40 -5.80 34.36
N GLU D 162 10.27 -6.43 34.13
CA GLU D 162 9.37 -5.94 33.09
C GLU D 162 8.03 -5.66 33.75
N TYR D 163 7.43 -4.55 33.33
CA TYR D 163 6.13 -4.10 33.83
C TYR D 163 5.29 -3.63 32.66
N SER D 164 3.98 -3.81 32.77
CA SER D 164 3.04 -3.47 31.72
C SER D 164 2.26 -2.22 32.03
N ASN D 165 1.84 -1.50 30.99
CA ASN D 165 1.01 -0.32 31.15
C ASN D 165 -0.47 -0.66 31.00
N ALA D 166 -1.21 -0.61 32.11
CA ALA D 166 -2.64 -0.90 32.11
C ALA D 166 -3.43 0.02 31.19
N ARG D 167 -2.88 1.20 30.95
CA ARG D 167 -3.54 2.20 30.11
C ARG D 167 -3.25 2.02 28.60
N TYR D 168 -2.37 1.07 28.26
CA TYR D 168 -2.04 0.83 26.85
C TYR D 168 -3.28 0.47 26.05
N VAL D 169 -3.41 1.06 24.86
CA VAL D 169 -4.51 0.75 23.96
C VAL D 169 -3.97 0.16 22.66
N SER D 170 -4.56 -0.96 22.26
CA SER D 170 -4.14 -1.65 21.05
C SER D 170 -4.82 -1.08 19.82
N GLN D 171 -4.12 -0.24 19.06
CA GLN D 171 -4.69 0.25 17.80
C GLN D 171 -3.75 -0.17 16.68
N GLN D 172 -4.28 -0.36 15.47
CA GLN D 172 -3.39 -0.75 14.38
C GLN D 172 -2.82 0.48 13.68
N THR D 173 -1.66 0.90 14.16
CA THR D 173 -0.97 2.06 13.64
C THR D 173 0.50 1.74 13.40
N ARG D 174 1.14 2.54 12.55
CA ARG D 174 2.58 2.46 12.40
C ARG D 174 3.10 3.86 12.12
N ALA D 175 4.42 4.01 12.13
CA ALA D 175 5.04 5.31 11.88
C ALA D 175 4.64 5.92 10.52
N ASN D 176 4.75 7.24 10.45
CA ASN D 176 4.53 7.98 9.20
C ASN D 176 5.55 7.57 8.14
N PRO D 177 5.10 7.36 6.89
CA PRO D 177 6.08 7.05 5.85
C PRO D 177 6.82 8.27 5.31
N ASN D 178 6.36 9.47 5.66
CA ASN D 178 6.93 10.69 5.09
C ASN D 178 7.88 11.40 6.05
N PRO D 179 8.80 12.20 5.51
CA PRO D 179 9.63 12.99 6.42
C PRO D 179 8.84 14.03 7.20
N TYR D 180 9.32 14.40 8.39
CA TYR D 180 8.76 15.56 9.07
C TYR D 180 9.05 16.83 8.26
N THR D 181 8.04 17.68 8.10
CA THR D 181 8.26 18.99 7.52
C THR D 181 7.59 20.00 8.43
N SER D 182 8.23 21.13 8.65
CA SER D 182 7.66 22.16 9.51
C SER D 182 6.59 22.99 8.81
N1 NCA E . -17.89 -0.01 -18.81
C2 NCA E . -17.46 0.11 -20.06
C3 NCA E . -16.60 -0.87 -20.59
C4 NCA E . -16.19 -1.93 -19.79
C5 NCA E . -16.66 -1.99 -18.49
C6 NCA E . -17.51 -1.01 -18.03
C7 NCA E . -16.13 -0.79 -21.99
O7 NCA E . -15.92 -1.83 -22.60
N7 NCA E . -15.95 0.41 -22.58
N1 AR6 F . -10.20 10.74 -26.61
C2 AR6 F . -11.15 10.74 -27.62
N3 AR6 F . -12.26 9.91 -27.47
C4 AR6 F . -12.36 9.16 -26.35
C5 AR6 F . -11.41 9.18 -25.39
C6 AR6 F . -10.35 9.98 -25.53
N6 AR6 F . -9.40 10.02 -24.57
N7 AR6 F . -11.83 8.33 -24.43
C8 AR6 F . -12.99 7.80 -24.78
N9 AR6 F . -13.31 8.31 -25.98
PA AR6 F . -15.43 6.49 -22.26
PB AR6 F . -16.88 4.04 -21.56
C1' AR6 F . -14.51 8.10 -26.86
O1A AR6 F . -14.08 5.98 -21.85
O1B AR6 F . -15.67 3.24 -21.33
C1D AR6 F . -20.25 4.02 -17.64
O1D AR6 F . -20.48 4.10 -16.30
C2' AR6 F . -14.65 6.84 -27.67
O2' AR6 F . -15.53 7.21 -28.72
O2A AR6 F . -15.77 7.91 -22.05
O2B AR6 F . -17.74 3.72 -22.72
C2D AR6 F . -19.45 2.80 -18.02
O2D AR6 F . -20.06 1.63 -17.48
C3' AR6 F . -15.33 5.94 -26.64
O3' AR6 F . -15.97 4.82 -27.28
O3A AR6 F . -16.57 5.62 -21.51
C3D AR6 F . -18.11 3.07 -17.39
O3D AR6 F . -18.12 2.90 -15.97
C4' AR6 F . -16.35 6.85 -26.04
O4' AR6 F . -15.59 8.06 -25.87
C4D AR6 F . -18.00 4.55 -17.78
O4D AR6 F . -19.36 5.06 -18.03
C5' AR6 F . -16.78 6.36 -24.62
O5' AR6 F . -15.60 6.07 -23.82
C5D AR6 F . -17.21 4.75 -19.08
O5D AR6 F . -17.68 3.97 -20.17
S SO4 G . 13.44 -8.12 -8.43
O1 SO4 G . 14.11 -9.25 -7.78
O2 SO4 G . 14.38 -7.00 -8.52
O3 SO4 G . 13.02 -8.52 -9.77
O4 SO4 G . 12.29 -7.70 -7.63
N1 NCA H . 19.75 6.97 -16.28
C2 NCA H . 20.90 6.78 -15.64
C3 NCA H . 21.13 5.55 -15.01
C4 NCA H . 20.15 4.54 -15.07
C5 NCA H . 18.97 4.81 -15.74
C6 NCA H . 18.81 6.04 -16.34
C7 NCA H . 22.40 5.27 -14.30
O7 NCA H . 22.72 4.11 -14.12
N7 NCA H . 23.18 6.29 -13.89
N1 AR6 I . 28.65 14.57 -6.52
C2 AR6 I . 29.76 14.45 -7.34
N3 AR6 I . 29.60 13.80 -8.57
C4 AR6 I . 28.39 13.33 -8.91
C5 AR6 I . 27.33 13.45 -8.09
C6 AR6 I . 27.46 14.08 -6.89
N6 AR6 I . 26.42 14.23 -6.05
N7 AR6 I . 26.30 12.87 -8.74
C8 AR6 I . 26.72 12.42 -9.92
N9 AR6 I . 28.03 12.68 -10.02
PA AR6 I . 24.36 12.08 -12.82
PB AR6 I . 23.01 10.07 -14.47
C1' AR6 I . 29.00 12.42 -11.14
O1A AR6 I . 23.67 11.64 -11.58
O1B AR6 I . 22.64 9.36 -13.24
C1D AR6 I . 19.69 11.92 -17.75
O1D AR6 I . 18.47 12.40 -18.12
C2' AR6 I . 29.55 11.02 -11.38
O2' AR6 I . 30.74 11.20 -12.14
O2A AR6 I . 24.57 13.52 -13.03
O2B AR6 I . 23.87 9.41 -15.47
C2D AR6 I . 19.60 10.48 -17.34
O2D AR6 I . 18.88 9.73 -18.34
C3' AR6 I . 28.42 10.45 -12.24
O3' AR6 I . 28.88 9.29 -12.96
O3A AR6 I . 23.61 11.54 -14.16
C3D AR6 I . 18.87 10.53 -16.03
O3D AR6 I . 17.48 10.79 -16.18
C4' AR6 I . 28.17 11.60 -13.18
O4' AR6 I . 28.13 12.70 -12.28
C4D AR6 I . 19.54 11.76 -15.41
O4D AR6 I . 20.09 12.55 -16.54
C5' AR6 I . 26.79 11.60 -13.88
O5' AR6 I . 25.77 11.29 -12.89
C5D AR6 I . 20.70 11.39 -14.46
O5D AR6 I . 21.63 10.55 -15.14
S SO4 J . -7.25 -11.30 27.33
O1 SO4 J . -6.93 -12.23 26.25
O2 SO4 J . -6.19 -11.40 28.34
O3 SO4 J . -7.26 -9.93 26.79
O4 SO4 J . -8.54 -11.60 27.96
N1 NCA K . -20.18 -14.58 14.89
C2 NCA K . -21.35 -14.42 14.30
C3 NCA K . -21.66 -15.20 13.18
C4 NCA K . -20.72 -16.13 12.71
C5 NCA K . -19.51 -16.25 13.36
C6 NCA K . -19.27 -15.44 14.45
C7 NCA K . -22.96 -15.12 12.49
O7 NCA K . -23.42 -16.12 11.95
N7 NCA K . -23.65 -13.95 12.51
N1 AR6 L . -28.46 -3.23 8.39
C2 AR6 L . -29.60 -3.57 9.14
N3 AR6 L . -29.50 -4.61 10.07
C4 AR6 L . -28.31 -5.24 10.20
C5 AR6 L . -27.24 -4.90 9.48
C6 AR6 L . -27.32 -3.90 8.58
N6 AR6 L . -26.23 -3.58 7.87
N7 AR6 L . -26.23 -5.72 9.85
C8 AR6 L . -26.67 -6.53 10.80
N9 AR6 L . -27.98 -6.25 11.00
PA AR6 L . -24.31 -8.03 13.38
PB AR6 L . -23.22 -10.63 14.29
C1' AR6 L . -28.95 -6.83 11.97
O1A AR6 L . -23.64 -8.13 12.05
O1B AR6 L . -22.61 -10.97 13.00
C1D AR6 L . -19.88 -10.91 18.35
O1D AR6 L . -18.62 -10.70 18.82
C2' AR6 L . -29.57 -8.19 11.74
O2' AR6 L . -30.72 -8.21 12.57
O2A AR6 L . -24.38 -6.73 14.04
O2B AR6 L . -24.34 -11.44 14.76
C2D AR6 L . -19.94 -11.99 17.27
O2D AR6 L . -19.28 -13.21 17.70
C3' AR6 L . -28.48 -9.08 12.35
O3' AR6 L . -29.00 -10.37 12.71
O3A AR6 L . -23.58 -9.06 14.41
C3D AR6 L . -19.28 -11.32 16.10
O3D AR6 L . -17.87 -11.25 16.24
C4' AR6 L . -28.17 -8.32 13.61
O4' AR6 L . -28.10 -6.96 13.15
C4D AR6 L . -19.86 -9.89 16.25
O4D AR6 L . -20.33 -9.78 17.63
C5' AR6 L . -26.80 -8.70 14.21
O5' AR6 L . -25.77 -8.69 13.19
C5D AR6 L . -21.08 -9.60 15.34
O5D AR6 L . -22.05 -10.63 15.39
S SO4 M . -13.37 7.73 8.19
O1 SO4 M . -13.20 6.71 9.21
O2 SO4 M . -12.06 8.25 7.78
O3 SO4 M . -14.03 7.14 7.03
O4 SO4 M . -14.20 8.82 8.73
S SO4 N . 17.87 -4.95 16.87
O1 SO4 N . 18.66 -6.16 16.74
O2 SO4 N . 18.63 -3.81 16.34
O3 SO4 N . 16.64 -5.09 16.07
O4 SO4 N . 17.51 -4.73 18.28
S SO4 O . 6.59 17.46 32.76
O1 SO4 O . 7.16 16.30 32.07
O2 SO4 O . 7.30 17.69 34.02
O3 SO4 O . 6.72 18.67 31.95
O4 SO4 O . 5.19 17.18 33.04
N1 NCA P . 18.20 8.75 20.26
C2 NCA P . 17.74 8.47 21.47
C3 NCA P . 16.83 7.42 21.65
C4 NCA P . 16.42 6.68 20.55
C5 NCA P . 16.93 7.01 19.30
C6 NCA P . 17.81 8.06 19.20
C7 NCA P . 16.32 7.06 22.99
O7 NCA P . 15.97 5.91 23.18
N7 NCA P . 16.26 7.97 23.99
N1 AR6 Q . 10.58 16.73 30.69
C2 AR6 Q . 11.44 16.40 31.73
N3 AR6 Q . 12.54 15.57 31.44
C4 AR6 Q . 12.72 15.15 30.18
C5 AR6 Q . 11.87 15.50 29.20
C6 AR6 Q . 10.81 16.27 29.45
N6 AR6 Q . 9.98 16.59 28.44
N7 AR6 Q . 12.33 14.92 28.07
C8 AR6 Q . 13.44 14.24 28.35
N9 AR6 Q . 13.67 14.38 29.67
PA AR6 Q . 15.98 13.83 25.70
PB AR6 Q . 17.31 11.73 24.21
C1' AR6 Q . 14.81 13.86 30.49
O1A AR6 Q . 14.65 13.61 25.09
O1B AR6 Q . 16.00 11.14 23.91
C1D AR6 Q . 20.62 12.79 20.69
O1D AR6 Q . 21.15 13.27 19.53
C2' AR6 Q . 14.89 12.40 30.87
O2' AR6 Q . 15.75 12.40 32.00
O2A AR6 Q . 16.40 15.21 26.01
O2B AR6 Q . 18.24 10.98 25.09
C2D AR6 Q . 19.76 11.57 20.46
O2D AR6 Q . 20.39 10.69 19.54
C3' AR6 Q . 15.61 11.85 29.64
O3' AR6 Q . 16.21 10.57 29.89
O3A AR6 Q . 17.16 13.23 24.76
C3D AR6 Q . 18.48 12.12 19.88
O3D AR6 Q . 18.56 12.45 18.51
C4' AR6 Q . 16.68 12.88 29.39
O4' AR6 Q . 15.95 14.12 29.61
C4D AR6 Q . 18.34 13.38 20.75
O4D AR6 Q . 19.69 13.73 21.21
C5' AR6 Q . 17.19 12.85 27.93
O5' AR6 Q . 16.07 12.88 27.01
C5D AR6 Q . 17.44 13.13 21.99
O5D AR6 Q . 17.96 12.05 22.79
#